data_6WUY
#
_entry.id   6WUY
#
_cell.length_a   105.331
_cell.length_b   105.331
_cell.length_c   324.866
_cell.angle_alpha   90.000
_cell.angle_beta   90.000
_cell.angle_gamma   120.000
#
_symmetry.space_group_name_H-M   'P 31 2 1'
#
loop_
_entity.id
_entity.type
_entity.pdbx_description
1 polymer Acetylcholinesterase
2 branched 2-acetamido-2-deoxy-beta-D-glucopyranose-(1-4)-[alpha-L-fucopyranose-(1-6)]2-acetamido-2-deoxy-beta-D-glucopyranose
3 branched 2-acetamido-2-deoxy-beta-D-glucopyranose-(1-4)-2-acetamido-2-deoxy-beta-D-glucopyranose
4 non-polymer 2-acetamido-2-deoxy-beta-D-glucopyranose
5 non-polymer 'ethoxy-~{N},~{N}-dimethyl-phosphonamidic acid'
6 non-polymer 4-(AMINOCARBONYL)-1-[({2-[(E)-(HYDROXYIMINO)METHYL]PYRIDINIUM-1-YL}METHOXY)METHYL]PYRIDINIUM
7 water water
#
_entity_poly.entity_id   1
_entity_poly.type   'polypeptide(L)'
_entity_poly.pdbx_seq_one_letter_code
;GREDAELLVTVRGGRLRGIRLKTPGGPVSAFLGIPFAEPPMGPRRFLPPEPKQPWSGVVDATTFQSVCYQYVDTLYPGFE
GTEMWNPNRELSEDCLYLNVWTPYPRPTSPTPVLVWIYGGGFYSGASSLDVYDGRFLVQAERTVLVSMNYRVGAFGFLAL
PGSREAPGNVGLLDQRLALQWVQENVAAFGGDPTSVTLFGESAGAASVGMHLLSPPSRGLFHRAVLQSGAPNGPWATVGM
GEARRRATQLAHLVGCPPGGTGGNDTELVACLRTRPAQVLVNHEWHVLPQESVFRFSFVPVVDGDFLSDTPEALINAGDF
HGLQVLVGVVKDEGSYFLVYGAPGFSKDNESLISRAEFLAGVRVGVPQVSDLAAEAVVLHYTDWLHPEDPARLREALSDV
VGDHNVVCPVAQLAGRLAAQGARVYAYVFEHRASTLSWPLWMGVPHGYEIEFIFGIPLDPSRNYTAEEKIFAQRLMRYWA
NFARTGDPNEPRDPKAPQWPPYTAGAQQYVSLDLRPLEVRRGLRAQACAFWNRFLPKLLSAT
;
_entity_poly.pdbx_strand_id   A,B
#
loop_
_chem_comp.id
_chem_comp.type
_chem_comp.name
_chem_comp.formula
ELT non-polymer 'ethoxy-~{N},~{N}-dimethyl-phosphonamidic acid' 'C4 H12 N O3 P'
FUC L-saccharide, alpha linking alpha-L-fucopyranose 'C6 H12 O5'
HI6 non-polymer 4-(AMINOCARBONYL)-1-[({2-[(E)-(HYDROXYIMINO)METHYL]PYRIDINIUM-1-YL}METHOXY)METHYL]PYRIDINIUM 'C14 H16 N4 O3 2'
NAG D-saccharide, beta linking 2-acetamido-2-deoxy-beta-D-glucopyranose 'C8 H15 N O6'
#
# COMPACT_ATOMS: atom_id res chain seq x y z
N GLU A 3 -10.07 -44.70 -23.96
CA GLU A 3 -10.13 -43.85 -22.78
C GLU A 3 -10.94 -44.51 -21.67
N ASP A 4 -10.99 -43.87 -20.51
CA ASP A 4 -11.67 -44.40 -19.33
C ASP A 4 -13.07 -43.82 -19.26
N ALA A 5 -14.08 -44.69 -19.38
CA ALA A 5 -15.47 -44.25 -19.34
C ALA A 5 -15.87 -43.74 -17.96
N GLU A 6 -15.19 -44.20 -16.91
CA GLU A 6 -15.49 -43.71 -15.56
C GLU A 6 -15.17 -42.23 -15.44
N LEU A 7 -14.22 -41.74 -16.21
CA LEU A 7 -13.77 -40.36 -16.14
C LEU A 7 -14.50 -39.44 -17.11
N LEU A 8 -15.57 -39.92 -17.74
CA LEU A 8 -16.38 -39.10 -18.63
C LEU A 8 -17.78 -39.01 -18.06
N VAL A 9 -18.25 -37.78 -17.86
CA VAL A 9 -19.59 -37.53 -17.32
C VAL A 9 -20.17 -36.38 -18.13
N THR A 10 -21.49 -36.41 -18.32
CA THR A 10 -22.21 -35.35 -19.00
C THR A 10 -23.13 -34.68 -17.99
N VAL A 11 -23.04 -33.36 -17.91
CA VAL A 11 -23.88 -32.55 -17.03
C VAL A 11 -24.72 -31.66 -17.93
N ARG A 12 -25.64 -30.88 -17.34
CA ARG A 12 -26.54 -30.05 -18.13
C ARG A 12 -25.79 -29.21 -19.15
N GLY A 13 -24.64 -28.66 -18.76
CA GLY A 13 -23.93 -27.74 -19.63
C GLY A 13 -23.14 -28.41 -20.74
N GLY A 14 -22.81 -29.68 -20.58
CA GLY A 14 -22.02 -30.37 -21.57
C GLY A 14 -21.21 -31.47 -20.93
N ARG A 15 -20.15 -31.84 -21.64
CA ARG A 15 -19.33 -32.99 -21.29
C ARG A 15 -18.07 -32.55 -20.56
N LEU A 16 -17.62 -33.39 -19.64
CA LEU A 16 -16.37 -33.16 -18.92
C LEU A 16 -15.54 -34.43 -18.92
N ARG A 17 -14.24 -34.27 -18.76
CA ARG A 17 -13.33 -35.36 -18.63
C ARG A 17 -12.59 -35.21 -17.32
N GLY A 18 -12.63 -36.22 -16.47
CA GLY A 18 -12.00 -36.21 -15.17
C GLY A 18 -10.61 -36.83 -15.18
N ILE A 19 -10.15 -37.20 -13.98
CA ILE A 19 -8.83 -37.76 -13.80
C ILE A 19 -8.87 -38.74 -12.62
N ARG A 20 -8.18 -39.85 -12.76
CA ARG A 20 -8.01 -40.81 -11.67
C ARG A 20 -6.90 -40.31 -10.76
N LEU A 21 -7.16 -40.32 -9.45
CA LEU A 21 -6.16 -39.96 -8.46
C LEU A 21 -5.91 -41.15 -7.55
N LYS A 22 -4.71 -41.22 -7.01
CA LYS A 22 -4.33 -42.31 -6.14
C LYS A 22 -4.41 -42.04 -4.67
N THR A 23 -4.53 -43.10 -3.91
CA THR A 23 -4.65 -43.08 -2.49
C THR A 23 -4.05 -44.36 -2.01
N PRO A 24 -3.52 -44.29 -0.73
CA PRO A 24 -3.00 -45.56 -0.22
C PRO A 24 -4.04 -46.66 -0.08
N GLY A 25 -5.31 -46.33 -0.16
CA GLY A 25 -6.42 -47.26 -0.17
C GLY A 25 -7.07 -47.51 -1.52
N GLY A 26 -6.49 -47.04 -2.63
CA GLY A 26 -7.09 -47.23 -3.93
C GLY A 26 -7.46 -45.92 -4.58
N PRO A 27 -7.83 -45.95 -5.85
CA PRO A 27 -8.08 -44.70 -6.59
C PRO A 27 -9.43 -44.08 -6.25
N VAL A 28 -9.59 -42.84 -6.69
CA VAL A 28 -10.88 -42.15 -6.72
C VAL A 28 -10.91 -41.32 -7.99
N SER A 29 -12.10 -40.84 -8.34
CA SER A 29 -12.30 -40.02 -9.53
C SER A 29 -12.44 -38.56 -9.14
N ALA A 30 -11.77 -37.67 -9.88
CA ALA A 30 -11.83 -36.24 -9.64
C ALA A 30 -12.36 -35.54 -10.88
N PHE A 31 -13.15 -34.50 -10.66
CA PHE A 31 -13.58 -33.60 -11.71
C PHE A 31 -13.34 -32.21 -11.15
N LEU A 32 -12.18 -31.65 -11.49
CA LEU A 32 -11.70 -30.40 -10.93
C LEU A 32 -11.78 -29.31 -11.98
N GLY A 33 -12.20 -28.13 -11.57
CA GLY A 33 -12.30 -27.02 -12.51
C GLY A 33 -13.53 -27.04 -13.36
N ILE A 34 -14.64 -27.60 -12.88
CA ILE A 34 -15.91 -27.54 -13.57
C ILE A 34 -16.45 -26.12 -13.48
N PRO A 35 -16.73 -25.45 -14.61
CA PRO A 35 -17.29 -24.09 -14.54
C PRO A 35 -18.78 -24.13 -14.19
N PHE A 36 -19.16 -23.42 -13.13
CA PHE A 36 -20.57 -23.35 -12.77
C PHE A 36 -21.17 -21.97 -12.95
N ALA A 37 -20.37 -20.96 -13.34
CA ALA A 37 -20.90 -19.64 -13.60
C ALA A 37 -20.16 -19.03 -14.80
N GLU A 38 -20.82 -18.08 -15.44
CA GLU A 38 -20.12 -17.23 -16.40
C GLU A 38 -19.06 -16.43 -15.66
N PRO A 39 -17.92 -16.25 -16.27
CA PRO A 39 -16.87 -15.53 -15.58
C PRO A 39 -17.34 -14.17 -15.24
N PRO A 40 -17.20 -13.83 -13.91
CA PRO A 40 -17.69 -12.49 -13.59
C PRO A 40 -16.64 -11.45 -13.78
N MET A 41 -16.43 -11.06 -15.02
CA MET A 41 -15.41 -10.12 -15.34
C MET A 41 -15.97 -8.95 -16.04
N GLY A 42 -15.16 -7.92 -16.14
CA GLY A 42 -15.56 -6.69 -16.80
C GLY A 42 -16.83 -6.13 -16.20
N PRO A 43 -17.87 -6.00 -17.03
CA PRO A 43 -19.15 -5.48 -16.53
C PRO A 43 -19.83 -6.41 -15.54
N ARG A 44 -19.39 -7.66 -15.43
CA ARG A 44 -19.97 -8.60 -14.46
C ARG A 44 -19.32 -8.52 -13.09
N ARG A 45 -18.25 -7.73 -12.93
CA ARG A 45 -17.66 -7.54 -11.62
C ARG A 45 -18.68 -6.90 -10.66
N PHE A 46 -18.74 -7.42 -9.44
CA PHE A 46 -19.69 -7.10 -8.38
C PHE A 46 -21.12 -7.54 -8.68
N LEU A 47 -21.38 -8.20 -9.81
CA LEU A 47 -22.75 -8.60 -10.11
C LEU A 47 -23.02 -10.03 -9.65
N PRO A 48 -24.28 -10.36 -9.38
CA PRO A 48 -24.60 -11.74 -9.01
C PRO A 48 -24.16 -12.69 -10.10
N PRO A 49 -23.75 -13.91 -9.74
CA PRO A 49 -23.25 -14.85 -10.74
C PRO A 49 -24.35 -15.25 -11.73
N GLU A 50 -23.97 -15.48 -12.96
CA GLU A 50 -24.91 -15.96 -13.95
C GLU A 50 -24.55 -17.38 -14.23
N PRO A 51 -25.52 -18.24 -14.40
CA PRO A 51 -25.25 -19.66 -14.66
C PRO A 51 -24.41 -19.85 -15.92
N LYS A 52 -23.49 -20.81 -15.87
CA LYS A 52 -22.62 -21.09 -16.99
C LYS A 52 -23.43 -21.56 -18.19
N GLN A 53 -23.29 -20.87 -19.32
CA GLN A 53 -24.04 -21.25 -20.50
C GLN A 53 -23.47 -22.54 -21.09
N PRO A 54 -24.33 -23.38 -21.68
CA PRO A 54 -23.86 -24.67 -22.21
C PRO A 54 -22.72 -24.51 -23.20
N TRP A 55 -21.90 -25.54 -23.24
CA TRP A 55 -20.72 -25.59 -24.06
C TRP A 55 -20.70 -26.83 -24.91
N SER A 56 -19.96 -26.79 -26.00
CA SER A 56 -19.84 -27.93 -26.85
C SER A 56 -18.45 -28.38 -26.66
N GLY A 57 -18.20 -29.64 -26.92
CA GLY A 57 -16.89 -30.17 -26.73
C GLY A 57 -16.78 -30.74 -25.36
N VAL A 58 -15.58 -31.07 -24.96
CA VAL A 58 -15.32 -31.67 -23.66
C VAL A 58 -14.50 -30.70 -22.83
N VAL A 59 -15.01 -30.31 -21.66
CA VAL A 59 -14.26 -29.48 -20.73
C VAL A 59 -13.20 -30.33 -20.03
N ASP A 60 -11.97 -29.85 -20.03
CA ASP A 60 -10.88 -30.49 -19.30
C ASP A 60 -11.08 -30.28 -17.80
N ALA A 61 -11.44 -31.34 -17.08
CA ALA A 61 -11.65 -31.25 -15.64
C ALA A 61 -10.64 -32.10 -14.88
N THR A 62 -9.36 -31.91 -15.14
CA THR A 62 -8.31 -32.72 -14.56
C THR A 62 -7.40 -31.96 -13.61
N THR A 63 -7.51 -30.63 -13.52
CA THR A 63 -6.69 -29.85 -12.61
C THR A 63 -7.51 -28.72 -12.02
N PHE A 64 -7.05 -28.20 -10.89
CA PHE A 64 -7.74 -27.10 -10.24
C PHE A 64 -7.69 -25.85 -11.11
N GLN A 65 -8.74 -25.03 -11.01
CA GLN A 65 -8.78 -23.80 -11.76
C GLN A 65 -8.21 -22.65 -10.93
N SER A 66 -8.21 -21.45 -11.51
CA SER A 66 -7.60 -20.30 -10.86
C SER A 66 -8.26 -19.98 -9.53
N VAL A 67 -7.49 -19.34 -8.65
CA VAL A 67 -7.96 -18.86 -7.36
C VAL A 67 -8.55 -17.47 -7.56
N CYS A 68 -9.62 -17.16 -6.83
CA CYS A 68 -10.22 -15.84 -6.92
C CYS A 68 -9.26 -14.80 -6.34
N TYR A 69 -9.25 -13.62 -6.97
CA TYR A 69 -8.32 -12.57 -6.56
C TYR A 69 -8.44 -12.25 -5.08
N GLN A 70 -7.30 -12.26 -4.39
CA GLN A 70 -7.28 -12.10 -2.95
C GLN A 70 -5.90 -11.62 -2.50
N TYR A 71 -5.87 -11.04 -1.30
CA TYR A 71 -4.62 -10.72 -0.62
C TYR A 71 -3.83 -11.99 -0.35
N VAL A 72 -2.51 -11.88 -0.43
CA VAL A 72 -1.59 -12.99 -0.14
C VAL A 72 -0.80 -12.62 1.12
N ASP A 73 -0.75 -13.55 2.07
CA ASP A 73 -0.13 -13.28 3.37
C ASP A 73 1.39 -13.34 3.25
N THR A 74 2.04 -12.19 3.51
CA THR A 74 3.48 -12.03 3.34
C THR A 74 4.21 -11.86 4.67
N LEU A 75 3.57 -12.24 5.77
CA LEU A 75 4.08 -11.88 7.09
C LEU A 75 5.28 -12.75 7.49
N TYR A 76 5.26 -14.04 7.21
CA TYR A 76 6.39 -14.94 7.47
C TYR A 76 6.64 -15.70 6.16
N PRO A 77 7.29 -15.09 5.20
CA PRO A 77 7.47 -15.72 3.87
C PRO A 77 8.18 -17.05 3.96
N GLY A 78 7.62 -18.05 3.25
CA GLY A 78 8.17 -19.39 3.23
C GLY A 78 7.80 -20.26 4.42
N PHE A 79 7.15 -19.71 5.43
CA PHE A 79 6.75 -20.49 6.60
C PHE A 79 5.58 -21.41 6.22
N GLU A 80 5.65 -22.69 6.57
CA GLU A 80 4.59 -23.65 6.25
C GLU A 80 3.29 -23.23 6.79
N GLY A 81 3.25 -22.98 8.08
CA GLY A 81 2.02 -22.56 8.71
C GLY A 81 1.33 -21.40 8.03
N THR A 82 2.09 -20.57 7.32
CA THR A 82 1.55 -19.48 6.53
C THR A 82 1.14 -19.91 5.12
N GLU A 83 2.07 -20.54 4.39
CA GLU A 83 1.86 -20.75 2.97
C GLU A 83 0.78 -21.77 2.66
N MET A 84 0.42 -22.63 3.62
CA MET A 84 -0.60 -23.63 3.36
C MET A 84 -1.96 -23.01 3.07
N TRP A 85 -2.19 -21.77 3.51
CA TRP A 85 -3.42 -21.04 3.21
C TRP A 85 -3.29 -20.10 2.03
N ASN A 86 -2.08 -19.85 1.55
CA ASN A 86 -1.91 -18.94 0.43
C ASN A 86 -2.32 -19.63 -0.86
N PRO A 87 -2.73 -18.86 -1.87
CA PRO A 87 -3.10 -19.46 -3.16
C PRO A 87 -2.00 -20.37 -3.68
N ASN A 88 -2.41 -21.54 -4.18
CA ASN A 88 -1.51 -22.45 -4.88
C ASN A 88 -1.86 -22.56 -6.35
N ARG A 89 -2.63 -21.61 -6.88
CA ARG A 89 -2.86 -21.44 -8.30
C ARG A 89 -2.85 -19.95 -8.60
N GLU A 90 -2.78 -19.62 -9.86
CA GLU A 90 -2.76 -18.24 -10.23
C GLU A 90 -4.05 -17.56 -9.93
N LEU A 91 -3.97 -16.29 -9.59
CA LEU A 91 -5.14 -15.49 -9.28
C LEU A 91 -5.84 -15.06 -10.57
N SER A 92 -7.15 -14.98 -10.51
CA SER A 92 -7.94 -14.49 -11.63
C SER A 92 -9.35 -14.21 -11.15
N GLU A 93 -9.99 -13.22 -11.78
CA GLU A 93 -11.42 -13.03 -11.57
C GLU A 93 -12.23 -14.14 -12.22
N ASP A 94 -11.66 -14.82 -13.22
CA ASP A 94 -12.23 -16.03 -13.80
C ASP A 94 -11.87 -17.18 -12.86
N CYS A 95 -12.72 -17.39 -11.86
CA CYS A 95 -12.42 -18.34 -10.79
C CYS A 95 -13.62 -19.11 -10.29
N LEU A 96 -14.81 -18.95 -10.89
CA LEU A 96 -16.02 -19.60 -10.40
C LEU A 96 -16.08 -21.00 -10.99
N TYR A 97 -15.32 -21.90 -10.39
CA TYR A 97 -15.29 -23.32 -10.74
C TYR A 97 -15.45 -24.14 -9.47
N LEU A 98 -15.99 -25.35 -9.62
CA LEU A 98 -16.12 -26.27 -8.50
C LEU A 98 -15.46 -27.60 -8.84
N ASN A 99 -15.40 -28.48 -7.84
CA ASN A 99 -14.70 -29.74 -7.95
C ASN A 99 -15.57 -30.85 -7.37
N VAL A 100 -15.53 -32.02 -8.00
CA VAL A 100 -16.28 -33.19 -7.53
C VAL A 100 -15.31 -34.35 -7.39
N TRP A 101 -15.38 -35.04 -6.26
CA TRP A 101 -14.64 -36.28 -6.02
C TRP A 101 -15.68 -37.38 -5.82
N THR A 102 -15.55 -38.48 -6.55
CA THR A 102 -16.39 -39.64 -6.37
C THR A 102 -15.52 -40.87 -6.16
N PRO A 103 -16.04 -41.91 -5.53
CA PRO A 103 -15.34 -43.20 -5.53
C PRO A 103 -15.07 -43.69 -6.96
N TYR A 104 -14.11 -44.58 -7.07
CA TYR A 104 -13.78 -45.25 -8.33
C TYR A 104 -14.04 -46.74 -8.18
N PRO A 105 -14.87 -47.36 -9.04
CA PRO A 105 -15.63 -46.68 -10.10
C PRO A 105 -16.80 -45.89 -9.52
N ARG A 106 -17.40 -44.99 -10.31
CA ARG A 106 -18.49 -44.15 -9.82
C ARG A 106 -19.57 -45.01 -9.16
N PRO A 107 -20.19 -44.52 -8.09
CA PRO A 107 -21.23 -45.31 -7.42
C PRO A 107 -22.40 -45.59 -8.35
N THR A 108 -23.06 -46.72 -8.17
CA THR A 108 -24.23 -47.03 -8.98
C THR A 108 -25.51 -46.58 -8.30
N SER A 109 -25.47 -46.52 -6.98
CA SER A 109 -26.58 -46.08 -6.16
C SER A 109 -26.35 -44.63 -5.69
N PRO A 110 -27.42 -43.89 -5.39
CA PRO A 110 -27.23 -42.52 -4.91
C PRO A 110 -26.43 -42.48 -3.62
N THR A 111 -25.36 -41.68 -3.62
CA THR A 111 -24.40 -41.58 -2.53
C THR A 111 -24.51 -40.23 -1.83
N PRO A 112 -24.46 -40.19 -0.49
CA PRO A 112 -24.55 -38.89 0.21
C PRO A 112 -23.42 -37.95 -0.17
N VAL A 113 -23.76 -36.66 -0.22
CA VAL A 113 -22.87 -35.63 -0.75
C VAL A 113 -22.44 -34.70 0.39
N LEU A 114 -21.14 -34.43 0.45
CA LEU A 114 -20.57 -33.39 1.31
C LEU A 114 -20.16 -32.21 0.44
N VAL A 115 -20.53 -31.01 0.84
CA VAL A 115 -20.14 -29.79 0.15
C VAL A 115 -19.31 -28.95 1.10
N TRP A 116 -18.11 -28.57 0.66
CA TRP A 116 -17.15 -27.86 1.47
C TRP A 116 -17.12 -26.39 1.05
N ILE A 117 -17.25 -25.49 2.03
CA ILE A 117 -17.12 -24.05 1.81
C ILE A 117 -15.91 -23.59 2.62
N TYR A 118 -14.86 -23.17 1.93
CA TYR A 118 -13.63 -22.79 2.61
C TYR A 118 -13.80 -21.46 3.35
N GLY A 119 -12.90 -21.24 4.31
CA GLY A 119 -12.82 -19.97 5.01
C GLY A 119 -11.69 -19.10 4.46
N GLY A 120 -11.39 -18.09 5.24
CA GLY A 120 -10.40 -17.11 4.92
C GLY A 120 -10.85 -15.69 5.07
N GLY A 121 -11.65 -15.46 6.09
CA GLY A 121 -12.11 -14.13 6.48
C GLY A 121 -12.96 -13.41 5.46
N PHE A 122 -13.51 -14.12 4.48
CA PHE A 122 -14.23 -13.56 3.35
C PHE A 122 -13.34 -12.73 2.44
N TYR A 123 -12.03 -12.70 2.68
CA TYR A 123 -11.10 -11.98 1.83
C TYR A 123 -10.11 -12.88 1.13
N SER A 124 -10.09 -14.18 1.43
CA SER A 124 -9.13 -15.10 0.85
C SER A 124 -9.72 -16.50 0.91
N GLY A 125 -8.94 -17.49 0.47
CA GLY A 125 -9.38 -18.87 0.44
C GLY A 125 -9.40 -19.43 -0.97
N ALA A 126 -9.35 -20.76 -1.07
CA ALA A 126 -9.42 -21.42 -2.37
C ALA A 126 -9.75 -22.89 -2.14
N SER A 127 -10.54 -23.46 -3.04
CA SER A 127 -10.87 -24.87 -2.95
C SER A 127 -9.73 -25.78 -3.39
N SER A 128 -8.67 -25.21 -3.97
CA SER A 128 -7.56 -25.97 -4.53
C SER A 128 -6.44 -26.25 -3.54
N LEU A 129 -6.56 -25.78 -2.30
CA LEU A 129 -5.47 -25.91 -1.33
C LEU A 129 -5.27 -27.37 -0.94
N ASP A 130 -4.01 -27.73 -0.66
CA ASP A 130 -3.68 -29.13 -0.36
C ASP A 130 -4.45 -29.65 0.84
N VAL A 131 -4.71 -28.79 1.83
CA VAL A 131 -5.37 -29.23 3.06
C VAL A 131 -6.84 -29.55 2.82
N TYR A 132 -7.41 -29.11 1.70
CA TYR A 132 -8.78 -29.41 1.33
C TYR A 132 -8.90 -30.55 0.31
N ASP A 133 -7.84 -31.33 0.10
CA ASP A 133 -7.86 -32.39 -0.89
C ASP A 133 -8.86 -33.47 -0.47
N GLY A 134 -9.86 -33.71 -1.32
CA GLY A 134 -10.92 -34.63 -0.97
C GLY A 134 -10.67 -36.11 -1.20
N ARG A 135 -9.51 -36.51 -1.71
CA ARG A 135 -9.34 -37.90 -2.14
C ARG A 135 -9.41 -38.89 -0.97
N PHE A 136 -8.93 -38.51 0.19
CA PHE A 136 -8.92 -39.42 1.31
C PHE A 136 -10.25 -39.63 1.95
N LEU A 137 -10.97 -38.56 2.13
CA LEU A 137 -12.30 -38.64 2.72
C LEU A 137 -13.21 -39.54 1.89
N VAL A 138 -13.17 -39.38 0.57
CA VAL A 138 -14.09 -40.11 -0.27
C VAL A 138 -13.67 -41.54 -0.51
N GLN A 139 -12.38 -41.85 -0.42
CA GLN A 139 -11.97 -43.24 -0.48
C GLN A 139 -12.35 -43.97 0.79
N ALA A 140 -12.10 -43.35 1.95
CA ALA A 140 -12.33 -44.04 3.22
C ALA A 140 -13.81 -44.15 3.57
N GLU A 141 -14.60 -43.16 3.19
CA GLU A 141 -15.99 -43.11 3.60
C GLU A 141 -16.98 -43.18 2.45
N ARG A 142 -16.52 -43.11 1.20
CA ARG A 142 -17.38 -43.37 0.04
C ARG A 142 -18.59 -42.44 0.01
N THR A 143 -18.33 -41.16 0.18
CA THR A 143 -19.30 -40.11 -0.12
C THR A 143 -18.85 -39.39 -1.37
N VAL A 144 -19.73 -38.57 -1.92
CA VAL A 144 -19.32 -37.61 -2.93
C VAL A 144 -18.96 -36.31 -2.24
N LEU A 145 -17.88 -35.68 -2.68
CA LEU A 145 -17.40 -34.44 -2.09
C LEU A 145 -17.36 -33.36 -3.16
N VAL A 146 -17.91 -32.20 -2.84
CA VAL A 146 -17.94 -31.05 -3.73
C VAL A 146 -17.35 -29.87 -2.97
N SER A 147 -16.55 -29.07 -3.66
CA SER A 147 -16.10 -27.79 -3.15
C SER A 147 -16.15 -26.79 -4.29
N MET A 148 -16.44 -25.54 -3.96
CA MET A 148 -16.50 -24.48 -4.97
C MET A 148 -15.59 -23.33 -4.56
N ASN A 149 -15.13 -22.59 -5.56
CA ASN A 149 -14.57 -21.27 -5.32
C ASN A 149 -15.70 -20.25 -5.33
N TYR A 150 -15.63 -19.32 -4.39
CA TYR A 150 -16.53 -18.17 -4.41
C TYR A 150 -15.71 -16.90 -4.30
N ARG A 151 -16.24 -15.81 -4.84
CA ARG A 151 -15.53 -14.55 -4.84
C ARG A 151 -15.36 -14.02 -3.42
N VAL A 152 -14.17 -13.51 -3.13
CA VAL A 152 -13.83 -13.00 -1.81
C VAL A 152 -13.42 -11.52 -1.94
N GLY A 153 -13.24 -10.89 -0.78
CA GLY A 153 -12.85 -9.49 -0.76
C GLY A 153 -13.90 -8.60 -1.39
N ALA A 154 -13.44 -7.51 -2.00
CA ALA A 154 -14.38 -6.59 -2.64
C ALA A 154 -15.14 -7.25 -3.78
N PHE A 155 -14.49 -8.19 -4.50
CA PHE A 155 -15.16 -8.86 -5.62
C PHE A 155 -16.36 -9.67 -5.17
N GLY A 156 -16.36 -10.16 -3.93
CA GLY A 156 -17.49 -10.94 -3.47
C GLY A 156 -18.47 -10.18 -2.59
N PHE A 157 -18.00 -9.16 -1.85
CA PHE A 157 -18.81 -8.59 -0.80
C PHE A 157 -18.80 -7.07 -0.73
N LEU A 158 -18.19 -6.38 -1.70
CA LEU A 158 -18.39 -4.94 -1.78
C LEU A 158 -19.86 -4.65 -2.05
N ALA A 159 -20.45 -3.77 -1.24
CA ALA A 159 -21.88 -3.50 -1.29
C ALA A 159 -22.13 -2.00 -1.31
N LEU A 160 -22.94 -1.56 -2.27
CA LEU A 160 -23.56 -0.24 -2.26
C LEU A 160 -25.07 -0.49 -2.11
N PRO A 161 -25.55 -0.67 -0.88
CA PRO A 161 -26.91 -1.19 -0.70
C PRO A 161 -27.96 -0.33 -1.40
N GLY A 162 -28.94 -1.00 -2.00
CA GLY A 162 -29.95 -0.37 -2.81
C GLY A 162 -29.61 -0.35 -4.29
N SER A 163 -28.32 -0.17 -4.61
CA SER A 163 -27.89 -0.13 -5.98
C SER A 163 -27.97 -1.52 -6.62
N ARG A 164 -28.12 -1.54 -7.92
CA ARG A 164 -28.17 -2.77 -8.64
C ARG A 164 -26.82 -3.14 -9.18
N GLU A 165 -25.94 -2.18 -9.30
CA GLU A 165 -24.63 -2.46 -9.85
CA GLU A 165 -24.60 -2.41 -9.84
C GLU A 165 -23.65 -3.03 -8.84
N ALA A 166 -23.98 -2.97 -7.54
CA ALA A 166 -23.15 -3.57 -6.49
C ALA A 166 -24.03 -3.88 -5.28
N PRO A 167 -24.91 -4.89 -5.40
CA PRO A 167 -25.84 -5.18 -4.31
C PRO A 167 -25.20 -5.88 -3.12
N GLY A 168 -23.99 -6.39 -3.26
CA GLY A 168 -23.36 -7.12 -2.17
C GLY A 168 -23.82 -8.55 -2.07
N ASN A 169 -23.07 -9.32 -1.28
CA ASN A 169 -23.34 -10.73 -1.00
C ASN A 169 -23.26 -11.62 -2.23
N VAL A 170 -22.58 -11.18 -3.29
CA VAL A 170 -22.54 -12.01 -4.50
C VAL A 170 -21.65 -13.24 -4.29
N GLY A 171 -20.65 -13.14 -3.42
CA GLY A 171 -19.88 -14.32 -3.06
C GLY A 171 -20.73 -15.38 -2.38
N LEU A 172 -21.70 -14.96 -1.57
CA LEU A 172 -22.67 -15.89 -1.03
C LEU A 172 -23.57 -16.46 -2.13
N LEU A 173 -23.89 -15.65 -3.13
CA LEU A 173 -24.67 -16.13 -4.27
C LEU A 173 -23.87 -17.09 -5.14
N ASP A 174 -22.55 -16.85 -5.27
CA ASP A 174 -21.68 -17.85 -5.90
C ASP A 174 -21.85 -19.20 -5.22
N GLN A 175 -21.79 -19.22 -3.88
CA GLN A 175 -21.95 -20.48 -3.15
C GLN A 175 -23.32 -21.08 -3.39
N ARG A 176 -24.36 -20.24 -3.37
CA ARG A 176 -25.71 -20.74 -3.61
C ARG A 176 -25.83 -21.33 -5.01
N LEU A 177 -25.24 -20.65 -6.00
CA LEU A 177 -25.29 -21.14 -7.38
C LEU A 177 -24.63 -22.50 -7.51
N ALA A 178 -23.43 -22.65 -6.92
CA ALA A 178 -22.79 -23.96 -6.87
C ALA A 178 -23.69 -24.98 -6.17
N LEU A 179 -24.34 -24.56 -5.09
CA LEU A 179 -25.29 -25.45 -4.41
C LEU A 179 -26.43 -25.85 -5.33
N GLN A 180 -26.95 -24.90 -6.13
CA GLN A 180 -27.97 -25.24 -7.11
C GLN A 180 -27.40 -26.21 -8.15
N TRP A 181 -26.16 -25.98 -8.57
CA TRP A 181 -25.50 -26.87 -9.52
C TRP A 181 -25.47 -28.31 -8.99
N VAL A 182 -25.22 -28.47 -7.70
CA VAL A 182 -25.17 -29.82 -7.11
C VAL A 182 -26.53 -30.49 -7.23
N GLN A 183 -27.60 -29.78 -6.87
CA GLN A 183 -28.95 -30.34 -6.99
C GLN A 183 -29.24 -30.82 -8.40
N GLU A 184 -28.81 -30.06 -9.41
CA GLU A 184 -29.12 -30.40 -10.79
C GLU A 184 -28.19 -31.48 -11.36
N ASN A 185 -26.95 -31.58 -10.90
CA ASN A 185 -25.95 -32.38 -11.60
C ASN A 185 -25.22 -33.42 -10.76
N VAL A 186 -25.38 -33.43 -9.45
CA VAL A 186 -24.55 -34.34 -8.66
C VAL A 186 -24.91 -35.79 -8.95
N ALA A 187 -26.16 -36.05 -9.35
CA ALA A 187 -26.58 -37.42 -9.63
C ALA A 187 -25.78 -38.01 -10.78
N ALA A 188 -25.33 -37.18 -11.73
CA ALA A 188 -24.52 -37.66 -12.84
C ALA A 188 -23.17 -38.22 -12.39
N PHE A 189 -22.75 -37.93 -11.16
CA PHE A 189 -21.53 -38.47 -10.60
C PHE A 189 -21.80 -39.57 -9.60
N GLY A 190 -23.06 -39.98 -9.43
CA GLY A 190 -23.45 -40.91 -8.39
C GLY A 190 -23.89 -40.27 -7.10
N GLY A 191 -24.00 -38.94 -7.06
CA GLY A 191 -24.44 -38.28 -5.85
C GLY A 191 -25.94 -38.36 -5.66
N ASP A 192 -26.36 -38.16 -4.41
CA ASP A 192 -27.76 -38.12 -4.04
C ASP A 192 -28.13 -36.69 -3.68
N PRO A 193 -28.80 -35.93 -4.55
CA PRO A 193 -29.14 -34.54 -4.22
C PRO A 193 -30.11 -34.41 -3.05
N THR A 194 -30.70 -35.50 -2.58
CA THR A 194 -31.58 -35.47 -1.42
C THR A 194 -30.83 -35.69 -0.11
N SER A 195 -29.49 -35.73 -0.15
CA SER A 195 -28.67 -35.90 1.05
C SER A 195 -27.38 -35.08 0.86
N VAL A 196 -27.52 -33.77 1.05
CA VAL A 196 -26.41 -32.83 0.89
C VAL A 196 -26.10 -32.22 2.25
N THR A 197 -24.87 -32.43 2.72
CA THR A 197 -24.40 -31.86 3.98
C THR A 197 -23.40 -30.75 3.67
N LEU A 198 -23.72 -29.54 4.09
CA LEU A 198 -22.75 -28.45 4.03
C LEU A 198 -21.79 -28.56 5.21
N PHE A 199 -20.51 -28.36 4.94
CA PHE A 199 -19.57 -28.18 6.03
C PHE A 199 -18.51 -27.16 5.63
N GLY A 200 -18.14 -26.31 6.58
CA GLY A 200 -17.19 -25.24 6.33
C GLY A 200 -16.49 -24.84 7.61
N GLU A 201 -15.40 -24.09 7.43
CA GLU A 201 -14.59 -23.66 8.55
C GLU A 201 -14.42 -22.14 8.52
N SER A 202 -14.49 -21.53 9.71
CA SER A 202 -14.26 -20.10 9.90
C SER A 202 -15.28 -19.34 9.04
N ALA A 203 -14.86 -18.48 8.10
CA ALA A 203 -15.82 -17.78 7.25
C ALA A 203 -16.67 -18.74 6.45
N GLY A 204 -16.16 -19.94 6.18
CA GLY A 204 -16.97 -20.97 5.54
C GLY A 204 -18.06 -21.48 6.47
N ALA A 205 -17.74 -21.66 7.75
CA ALA A 205 -18.76 -22.00 8.72
C ALA A 205 -19.81 -20.90 8.83
N ALA A 206 -19.38 -19.64 8.85
CA ALA A 206 -20.34 -18.55 8.86
C ALA A 206 -21.17 -18.54 7.59
N SER A 207 -20.56 -18.87 6.45
CA SER A 207 -21.32 -19.02 5.21
C SER A 207 -22.38 -20.10 5.34
N VAL A 208 -22.00 -21.27 5.85
CA VAL A 208 -22.96 -22.36 6.08
C VAL A 208 -24.13 -21.86 6.91
N GLY A 209 -23.83 -21.18 8.02
CA GLY A 209 -24.89 -20.67 8.87
C GLY A 209 -25.80 -19.70 8.14
N MET A 210 -25.23 -18.89 7.23
CA MET A 210 -26.05 -17.94 6.51
C MET A 210 -26.96 -18.65 5.51
N HIS A 211 -26.48 -19.71 4.88
CA HIS A 211 -27.37 -20.52 4.05
C HIS A 211 -28.47 -21.18 4.90
N LEU A 212 -28.17 -21.53 6.14
CA LEU A 212 -29.20 -22.01 7.06
C LEU A 212 -30.31 -20.99 7.24
N LEU A 213 -29.95 -19.70 7.28
CA LEU A 213 -30.87 -18.63 7.62
C LEU A 213 -31.44 -17.92 6.41
N SER A 214 -31.12 -18.38 5.20
CA SER A 214 -31.67 -17.79 3.98
C SER A 214 -32.54 -18.81 3.28
N PRO A 215 -33.86 -18.59 3.22
CA PRO A 215 -34.78 -19.60 2.69
C PRO A 215 -34.41 -20.11 1.31
N PRO A 216 -34.00 -19.25 0.35
CA PRO A 216 -33.63 -19.80 -0.97
C PRO A 216 -32.46 -20.79 -0.93
N SER A 217 -31.56 -20.68 0.05
CA SER A 217 -30.50 -21.68 0.20
C SER A 217 -30.95 -22.90 0.99
N ARG A 218 -31.91 -22.72 1.90
CA ARG A 218 -32.22 -23.76 2.88
C ARG A 218 -32.77 -25.01 2.21
N GLY A 219 -33.50 -24.85 1.10
CA GLY A 219 -34.08 -26.01 0.45
C GLY A 219 -33.08 -26.73 -0.44
N LEU A 220 -31.81 -26.35 -0.33
CA LEU A 220 -30.77 -26.86 -1.20
C LEU A 220 -29.79 -27.78 -0.50
N PHE A 221 -29.95 -28.02 0.79
CA PHE A 221 -29.11 -28.96 1.53
C PHE A 221 -29.92 -29.46 2.71
N HIS A 222 -29.36 -30.42 3.45
CA HIS A 222 -30.14 -31.08 4.48
C HIS A 222 -29.48 -31.04 5.85
N ARG A 223 -28.15 -31.04 5.90
CA ARG A 223 -27.44 -31.00 7.18
C ARG A 223 -26.30 -30.00 7.07
N ALA A 224 -25.81 -29.55 8.23
CA ALA A 224 -24.79 -28.51 8.26
C ALA A 224 -23.74 -28.81 9.32
N VAL A 225 -22.49 -28.49 8.98
CA VAL A 225 -21.37 -28.56 9.92
C VAL A 225 -20.71 -27.19 9.95
N LEU A 226 -20.60 -26.61 11.16
CA LEU A 226 -19.99 -25.30 11.35
C LEU A 226 -18.75 -25.50 12.21
N GLN A 227 -17.57 -25.38 11.62
CA GLN A 227 -16.29 -25.60 12.30
C GLN A 227 -15.63 -24.24 12.54
N SER A 228 -15.61 -23.80 13.80
CA SER A 228 -14.90 -22.59 14.23
C SER A 228 -15.43 -21.33 13.51
N GLY A 229 -16.75 -21.18 13.50
CA GLY A 229 -17.34 -20.01 12.87
C GLY A 229 -18.85 -20.08 12.97
N ALA A 230 -19.46 -18.91 12.85
CA ALA A 230 -20.90 -18.72 13.03
C ALA A 230 -21.34 -17.54 12.19
N PRO A 231 -22.59 -17.54 11.72
CA PRO A 231 -23.11 -16.34 11.06
C PRO A 231 -23.35 -15.19 12.03
N ASN A 232 -23.39 -15.44 13.34
CA ASN A 232 -23.61 -14.40 14.34
C ASN A 232 -22.31 -13.87 14.95
N GLY A 233 -21.15 -14.19 14.37
CA GLY A 233 -19.91 -13.57 14.80
C GLY A 233 -19.95 -12.06 14.63
N PRO A 234 -19.28 -11.31 15.54
CA PRO A 234 -19.19 -9.85 15.38
C PRO A 234 -18.43 -9.41 14.14
N TRP A 235 -17.87 -10.38 13.41
CA TRP A 235 -17.05 -10.11 12.23
C TRP A 235 -17.70 -10.57 10.93
N ALA A 236 -18.72 -11.43 10.99
CA ALA A 236 -19.19 -12.10 9.78
C ALA A 236 -20.16 -11.25 8.97
N THR A 237 -20.80 -10.26 9.57
CA THR A 237 -21.73 -9.41 8.85
C THR A 237 -21.42 -7.94 9.12
N VAL A 238 -22.04 -7.08 8.32
CA VAL A 238 -21.86 -5.65 8.41
C VAL A 238 -23.18 -4.99 8.05
N GLY A 239 -23.44 -3.84 8.67
CA GLY A 239 -24.65 -3.10 8.37
C GLY A 239 -24.61 -2.43 7.01
N MET A 240 -25.80 -2.02 6.55
CA MET A 240 -25.89 -1.35 5.25
C MET A 240 -25.10 -0.05 5.23
N GLY A 241 -25.22 0.76 6.28
CA GLY A 241 -24.52 2.03 6.32
C GLY A 241 -23.01 1.86 6.33
N GLU A 242 -22.51 0.98 7.19
CA GLU A 242 -21.07 0.74 7.26
C GLU A 242 -20.55 0.10 5.98
N ALA A 243 -21.34 -0.77 5.35
CA ALA A 243 -20.96 -1.32 4.07
C ALA A 243 -20.80 -0.21 3.03
N ARG A 244 -21.78 0.70 2.97
CA ARG A 244 -21.72 1.79 2.01
C ARG A 244 -20.50 2.68 2.26
N ARG A 245 -20.21 2.97 3.53
CA ARG A 245 -19.05 3.81 3.82
C ARG A 245 -17.77 3.14 3.36
N ARG A 246 -17.65 1.83 3.58
CA ARG A 246 -16.43 1.12 3.21
C ARG A 246 -16.26 1.07 1.69
N ALA A 247 -17.36 0.90 0.96
CA ALA A 247 -17.26 0.88 -0.50
C ALA A 247 -16.81 2.24 -1.04
N THR A 248 -17.31 3.34 -0.47
CA THR A 248 -16.95 4.66 -0.99
C THR A 248 -15.51 5.04 -0.66
N GLN A 249 -15.00 4.60 0.47
CA GLN A 249 -13.65 4.90 0.86
C GLN A 249 -12.69 4.15 -0.02
N LEU A 250 -13.03 2.93 -0.35
CA LEU A 250 -12.21 2.13 -1.26
C LEU A 250 -12.16 2.77 -2.63
N ALA A 251 -13.29 3.32 -3.10
CA ALA A 251 -13.26 4.07 -4.35
C ALA A 251 -12.31 5.26 -4.25
N HIS A 252 -12.38 6.01 -3.14
CA HIS A 252 -11.50 7.15 -2.95
C HIS A 252 -10.03 6.71 -2.95
N LEU A 253 -9.73 5.61 -2.27
CA LEU A 253 -8.36 5.13 -2.20
C LEU A 253 -7.82 4.69 -3.56
N VAL A 254 -8.68 4.32 -4.51
CA VAL A 254 -8.25 3.87 -5.83
C VAL A 254 -8.38 4.97 -6.88
N GLY A 255 -8.67 6.20 -6.47
CA GLY A 255 -8.81 7.28 -7.41
C GLY A 255 -10.15 7.36 -8.10
N CYS A 256 -11.17 6.72 -7.57
CA CYS A 256 -12.51 6.84 -8.13
C CYS A 256 -13.35 7.82 -7.32
N PRO A 257 -14.32 8.48 -7.95
CA PRO A 257 -15.07 9.53 -7.27
C PRO A 257 -16.45 9.07 -6.85
N PRO A 258 -16.81 9.31 -5.60
CA PRO A 258 -15.94 10.00 -4.67
C PRO A 258 -15.74 9.13 -3.44
N ASN A 264 -23.08 9.46 -6.81
CA ASN A 264 -23.83 8.55 -7.68
C ASN A 264 -23.26 7.13 -7.62
N ASP A 265 -24.12 6.17 -7.27
CA ASP A 265 -23.70 4.78 -7.15
C ASP A 265 -23.25 4.22 -8.50
N THR A 266 -23.95 4.60 -9.58
CA THR A 266 -23.62 4.04 -10.89
C THR A 266 -22.25 4.49 -11.36
N GLU A 267 -21.93 5.77 -11.19
CA GLU A 267 -20.64 6.27 -11.67
C GLU A 267 -19.48 5.69 -10.87
N LEU A 268 -19.69 5.37 -9.59
CA LEU A 268 -18.61 4.90 -8.74
C LEU A 268 -18.31 3.43 -9.02
N VAL A 269 -19.35 2.61 -9.14
CA VAL A 269 -19.14 1.21 -9.52
C VAL A 269 -18.50 1.14 -10.90
N ALA A 270 -18.95 1.99 -11.84
CA ALA A 270 -18.36 2.00 -13.17
C ALA A 270 -16.86 2.29 -13.11
N CYS A 271 -16.46 3.25 -12.28
CA CYS A 271 -15.04 3.59 -12.20
C CYS A 271 -14.24 2.45 -11.57
N LEU A 272 -14.79 1.80 -10.55
CA LEU A 272 -14.10 0.67 -9.93
C LEU A 272 -13.94 -0.48 -10.91
N ARG A 273 -14.87 -0.63 -11.85
CA ARG A 273 -14.78 -1.70 -12.84
C ARG A 273 -13.61 -1.49 -13.80
N THR A 274 -13.06 -0.28 -13.87
CA THR A 274 -11.91 -0.02 -14.72
C THR A 274 -10.59 -0.37 -14.04
N ARG A 275 -10.59 -0.50 -12.73
CA ARG A 275 -9.36 -0.72 -12.00
C ARG A 275 -8.90 -2.17 -12.12
N PRO A 276 -7.61 -2.41 -12.36
CA PRO A 276 -7.10 -3.78 -12.29
C PRO A 276 -7.42 -4.42 -10.96
N ALA A 277 -7.68 -5.73 -11.00
CA ALA A 277 -8.12 -6.41 -9.78
C ALA A 277 -7.10 -6.28 -8.67
N GLN A 278 -5.81 -6.27 -9.01
CA GLN A 278 -4.78 -6.20 -7.98
C GLN A 278 -4.77 -4.85 -7.27
N VAL A 279 -5.19 -3.79 -7.97
CA VAL A 279 -5.31 -2.50 -7.31
C VAL A 279 -6.34 -2.56 -6.20
N LEU A 280 -7.48 -3.19 -6.48
CA LEU A 280 -8.52 -3.34 -5.47
C LEU A 280 -8.02 -4.12 -4.26
N VAL A 281 -7.25 -5.19 -4.50
CA VAL A 281 -6.74 -6.01 -3.40
C VAL A 281 -5.81 -5.19 -2.51
N ASN A 282 -5.01 -4.30 -3.10
CA ASN A 282 -3.96 -3.60 -2.36
C ASN A 282 -4.51 -2.63 -1.33
N HIS A 283 -5.75 -2.25 -1.48
CA HIS A 283 -6.33 -1.31 -0.59
C HIS A 283 -7.45 -1.76 0.29
N GLU A 284 -7.99 -2.93 0.07
CA GLU A 284 -9.20 -3.37 0.77
C GLU A 284 -8.99 -3.36 2.28
N TRP A 285 -7.78 -3.70 2.74
CA TRP A 285 -7.52 -3.74 4.17
C TRP A 285 -7.43 -2.35 4.79
N HIS A 286 -7.19 -1.32 3.99
CA HIS A 286 -7.00 0.03 4.50
C HIS A 286 -8.31 0.78 4.72
N VAL A 287 -9.46 0.18 4.39
CA VAL A 287 -10.74 0.82 4.66
C VAL A 287 -11.29 0.42 6.02
N LEU A 288 -10.56 -0.39 6.78
CA LEU A 288 -10.99 -0.72 8.14
C LEU A 288 -10.89 0.51 9.02
N PRO A 289 -11.90 0.81 9.84
CA PRO A 289 -11.89 2.06 10.60
C PRO A 289 -10.89 2.10 11.75
N GLN A 290 -10.34 0.93 12.08
CA GLN A 290 -9.44 0.73 13.21
C GLN A 290 -8.26 -0.20 12.92
N GLU A 291 -7.37 -0.32 13.88
CA GLU A 291 -6.17 -1.14 13.78
C GLU A 291 -6.46 -2.41 14.59
N SER A 292 -7.01 -3.41 13.93
CA SER A 292 -7.64 -4.54 14.61
C SER A 292 -7.02 -5.86 14.18
N VAL A 293 -7.39 -6.89 14.93
CA VAL A 293 -7.31 -8.27 14.48
C VAL A 293 -8.74 -8.78 14.37
N PHE A 294 -8.94 -9.76 13.53
CA PHE A 294 -10.23 -10.36 13.41
C PHE A 294 -11.36 -9.50 12.93
N ARG A 295 -11.07 -8.54 12.08
CA ARG A 295 -12.12 -7.76 11.44
C ARG A 295 -11.76 -7.61 9.98
N PHE A 296 -12.77 -7.68 9.11
CA PHE A 296 -12.54 -7.82 7.67
C PHE A 296 -13.39 -6.81 6.91
N SER A 297 -12.79 -6.22 5.88
CA SER A 297 -13.39 -5.05 5.24
CA SER A 297 -13.39 -5.05 5.24
C SER A 297 -14.69 -5.39 4.52
N PHE A 298 -14.68 -6.42 3.69
CA PHE A 298 -15.82 -6.76 2.85
C PHE A 298 -16.33 -8.14 3.22
N VAL A 299 -17.48 -8.15 3.90
CA VAL A 299 -18.11 -9.34 4.45
C VAL A 299 -19.57 -9.30 4.06
N PRO A 300 -20.37 -10.35 4.30
CA PRO A 300 -21.79 -10.29 3.99
C PRO A 300 -22.47 -9.09 4.65
N VAL A 301 -23.42 -8.49 3.92
CA VAL A 301 -24.14 -7.31 4.39
C VAL A 301 -25.57 -7.70 4.73
N VAL A 302 -26.10 -7.15 5.80
CA VAL A 302 -27.46 -7.42 6.17
C VAL A 302 -28.28 -6.36 5.52
N ASP A 303 -28.97 -6.72 4.47
CA ASP A 303 -29.75 -5.79 3.73
C ASP A 303 -31.19 -6.15 3.47
N GLY A 304 -31.67 -7.19 4.10
CA GLY A 304 -33.03 -7.61 3.90
C GLY A 304 -33.23 -8.53 2.73
N ASP A 305 -32.20 -8.82 1.98
CA ASP A 305 -32.35 -9.72 0.86
C ASP A 305 -31.85 -11.10 1.16
N PHE A 306 -30.55 -11.33 1.13
CA PHE A 306 -30.02 -12.64 1.43
C PHE A 306 -30.36 -12.95 2.85
N LEU A 307 -30.23 -11.96 3.69
CA LEU A 307 -30.58 -12.09 5.06
C LEU A 307 -31.62 -11.04 5.35
N SER A 308 -32.82 -11.46 5.68
CA SER A 308 -33.92 -10.56 5.98
C SER A 308 -33.66 -9.77 7.22
N ASP A 309 -32.89 -10.31 8.12
CA ASP A 309 -32.57 -9.62 9.36
C ASP A 309 -31.14 -9.98 9.73
N THR A 310 -30.69 -9.52 10.90
CA THR A 310 -29.39 -9.93 11.40
C THR A 310 -29.41 -11.44 11.69
N PRO A 311 -28.28 -12.12 11.52
CA PRO A 311 -28.24 -13.55 11.86
C PRO A 311 -28.65 -13.82 13.29
N GLU A 312 -28.37 -12.89 14.23
CA GLU A 312 -28.83 -13.06 15.59
C GLU A 312 -30.34 -13.09 15.68
N ALA A 313 -31.00 -12.12 15.04
CA ALA A 313 -32.46 -12.10 15.01
C ALA A 313 -33.02 -13.38 14.38
N LEU A 314 -32.48 -13.78 13.22
CA LEU A 314 -33.02 -14.94 12.52
C LEU A 314 -32.81 -16.24 13.29
N ILE A 315 -31.72 -16.31 14.08
CA ILE A 315 -31.48 -17.49 14.91
C ILE A 315 -32.54 -17.60 15.99
N ASN A 316 -32.83 -16.50 16.70
CA ASN A 316 -33.78 -16.55 17.81
C ASN A 316 -35.20 -16.79 17.34
N ALA A 317 -35.54 -16.33 16.14
CA ALA A 317 -36.89 -16.50 15.60
C ALA A 317 -37.09 -17.86 14.93
N GLY A 318 -36.03 -18.62 14.68
CA GLY A 318 -36.13 -19.76 13.78
C GLY A 318 -36.75 -20.98 14.45
N ASP A 319 -37.50 -21.72 13.65
CA ASP A 319 -37.93 -23.08 13.99
C ASP A 319 -36.96 -24.04 13.31
N PHE A 320 -36.23 -24.81 14.11
CA PHE A 320 -35.16 -25.65 13.60
C PHE A 320 -35.41 -27.13 13.88
N HIS A 321 -36.67 -27.52 14.03
CA HIS A 321 -37.00 -28.94 14.09
C HIS A 321 -36.69 -29.60 12.74
N GLY A 322 -36.19 -30.84 12.80
CA GLY A 322 -35.74 -31.52 11.61
C GLY A 322 -34.34 -31.15 11.15
N LEU A 323 -33.65 -30.27 11.87
CA LEU A 323 -32.29 -29.87 11.52
C LEU A 323 -31.30 -30.59 12.44
N GLN A 324 -30.28 -31.20 11.84
CA GLN A 324 -29.14 -31.71 12.58
C GLN A 324 -27.91 -30.90 12.19
N VAL A 325 -27.17 -30.44 13.20
CA VAL A 325 -26.00 -29.61 12.99
CA VAL A 325 -26.00 -29.59 13.00
C VAL A 325 -24.85 -30.14 13.82
N LEU A 326 -23.65 -30.11 13.24
CA LEU A 326 -22.42 -30.44 13.93
C LEU A 326 -21.60 -29.16 14.05
N VAL A 327 -21.25 -28.78 15.28
CA VAL A 327 -20.52 -27.55 15.52
C VAL A 327 -19.36 -27.81 16.47
N GLY A 328 -18.33 -26.98 16.38
CA GLY A 328 -17.19 -27.16 17.27
C GLY A 328 -16.13 -26.10 17.05
N VAL A 329 -15.12 -26.15 17.92
CA VAL A 329 -14.01 -25.23 17.94
C VAL A 329 -12.75 -26.03 18.23
N VAL A 330 -11.59 -25.41 18.00
CA VAL A 330 -10.33 -25.99 18.47
C VAL A 330 -10.04 -25.42 19.85
N LYS A 331 -9.03 -25.98 20.52
CA LYS A 331 -8.77 -25.66 21.92
C LYS A 331 -8.31 -24.22 22.11
N ASP A 332 -7.56 -23.66 21.16
CA ASP A 332 -6.95 -22.33 21.31
C ASP A 332 -7.31 -21.47 20.11
N GLU A 333 -8.59 -21.10 20.00
CA GLU A 333 -9.07 -20.38 18.81
C GLU A 333 -8.38 -19.05 18.62
N GLY A 334 -7.93 -18.40 19.70
CA GLY A 334 -7.42 -17.05 19.62
C GLY A 334 -5.95 -16.87 19.29
N SER A 335 -5.12 -17.89 19.58
CA SER A 335 -3.67 -17.69 19.56
C SER A 335 -3.15 -17.30 18.18
N TYR A 336 -3.71 -17.91 17.13
CA TYR A 336 -3.24 -17.66 15.76
C TYR A 336 -3.34 -16.19 15.38
N PHE A 337 -4.40 -15.52 15.81
CA PHE A 337 -4.66 -14.16 15.35
C PHE A 337 -3.82 -13.10 16.04
N LEU A 338 -3.11 -13.45 17.11
CA LEU A 338 -2.36 -12.46 17.86
C LEU A 338 -0.98 -12.17 17.29
N VAL A 339 -0.49 -13.03 16.44
CA VAL A 339 0.82 -12.84 15.87
C VAL A 339 0.76 -11.96 14.66
N TYR A 340 -0.41 -11.49 14.35
CA TYR A 340 -0.58 -10.63 13.21
C TYR A 340 -0.84 -9.22 13.63
N GLY A 341 -0.42 -8.87 14.82
CA GLY A 341 -0.62 -7.50 15.27
C GLY A 341 -0.80 -7.11 16.71
N ALA A 342 -1.04 -8.05 17.60
CA ALA A 342 -1.17 -7.69 18.98
C ALA A 342 0.23 -7.33 19.38
N PRO A 343 0.37 -6.29 20.17
CA PRO A 343 1.69 -5.86 20.65
C PRO A 343 2.33 -6.90 21.55
N GLY A 344 3.61 -7.17 21.30
CA GLY A 344 4.37 -8.10 22.10
C GLY A 344 4.31 -9.55 21.67
N PHE A 345 3.54 -9.86 20.62
CA PHE A 345 3.40 -11.24 20.17
C PHE A 345 4.27 -11.51 18.95
N SER A 346 4.75 -12.74 18.85
CA SER A 346 5.51 -13.21 17.70
C SER A 346 5.45 -14.73 17.66
N LYS A 347 5.73 -15.34 16.56
CA LYS A 347 5.69 -16.76 16.65
C LYS A 347 7.02 -17.35 17.03
N ASP A 348 8.01 -16.47 17.01
CA ASP A 348 9.39 -16.81 17.24
C ASP A 348 9.90 -16.62 18.64
N ASN A 349 9.05 -16.11 19.50
CA ASN A 349 9.36 -15.94 20.91
C ASN A 349 8.15 -16.43 21.72
N GLU A 350 8.22 -16.38 23.02
CA GLU A 350 7.13 -16.88 23.81
C GLU A 350 6.05 -15.90 24.01
N SER A 351 6.13 -14.79 23.32
CA SER A 351 5.14 -13.79 23.51
C SER A 351 4.72 -13.49 24.93
N LEU A 352 5.66 -13.36 25.81
CA LEU A 352 5.36 -13.05 27.22
C LEU A 352 5.12 -11.56 27.33
N ILE A 353 3.85 -11.15 27.28
CA ILE A 353 3.51 -9.74 27.19
C ILE A 353 3.35 -9.13 28.57
N SER A 354 3.45 -7.80 28.63
CA SER A 354 3.25 -7.02 29.84
C SER A 354 1.78 -6.62 29.94
N ARG A 355 1.42 -6.08 31.08
CA ARG A 355 0.07 -5.66 31.23
C ARG A 355 -0.27 -4.54 30.27
N ALA A 356 0.61 -3.58 30.08
CA ALA A 356 0.35 -2.51 29.13
C ALA A 356 0.09 -3.07 27.75
N GLU A 357 0.83 -4.11 27.36
CA GLU A 357 0.58 -4.75 26.07
C GLU A 357 -0.75 -5.49 26.07
N PHE A 358 -1.02 -6.26 27.13
CA PHE A 358 -2.30 -6.94 27.27
C PHE A 358 -3.45 -5.96 27.17
N LEU A 359 -3.33 -4.81 27.81
CA LEU A 359 -4.37 -3.79 27.74
C LEU A 359 -4.47 -3.23 26.33
N ALA A 360 -3.33 -2.93 25.71
CA ALA A 360 -3.35 -2.52 24.31
C ALA A 360 -3.96 -3.60 23.44
N GLY A 361 -3.60 -4.86 23.71
CA GLY A 361 -4.12 -5.98 22.96
C GLY A 361 -5.61 -6.20 23.13
N VAL A 362 -6.21 -5.66 24.19
CA VAL A 362 -7.64 -5.82 24.36
C VAL A 362 -8.39 -4.89 23.41
N ARG A 363 -7.90 -3.67 23.22
CA ARG A 363 -8.52 -2.76 22.26
C ARG A 363 -8.32 -3.22 20.83
N VAL A 364 -7.30 -4.05 20.60
CA VAL A 364 -7.02 -4.56 19.26
C VAL A 364 -7.87 -5.79 18.94
N GLY A 365 -8.21 -6.55 19.98
CA GLY A 365 -9.01 -7.75 19.81
C GLY A 365 -10.49 -7.45 19.82
N VAL A 366 -10.92 -6.55 20.68
CA VAL A 366 -12.32 -6.23 20.72
C VAL A 366 -12.47 -4.77 20.33
N PRO A 367 -12.35 -4.61 18.97
CA PRO A 367 -12.41 -3.23 18.50
C PRO A 367 -13.32 -2.16 19.11
N GLN A 368 -14.28 -2.46 19.98
CA GLN A 368 -15.21 -1.49 20.67
C GLN A 368 -15.88 -2.15 21.88
N VAL A 369 -16.49 -1.43 22.82
CA VAL A 369 -16.69 0.03 22.83
C VAL A 369 -15.50 0.93 23.06
N SER A 370 -15.72 2.20 22.70
CA SER A 370 -14.72 3.24 22.81
C SER A 370 -14.25 3.48 24.24
N ASP A 371 -15.15 3.46 25.24
CA ASP A 371 -14.58 3.71 26.58
C ASP A 371 -14.72 2.68 27.72
N LEU A 372 -15.95 2.37 28.13
CA LEU A 372 -16.20 1.45 29.24
C LEU A 372 -16.26 -0.03 28.89
N ALA A 373 -16.66 -0.41 27.70
CA ALA A 373 -16.72 -1.82 27.40
C ALA A 373 -15.37 -2.45 27.52
N ALA A 374 -14.34 -1.72 27.13
CA ALA A 374 -13.01 -2.28 27.28
C ALA A 374 -12.76 -2.66 28.73
N GLU A 375 -13.26 -1.86 29.66
CA GLU A 375 -13.08 -2.12 31.09
C GLU A 375 -13.70 -3.44 31.55
N ALA A 376 -14.90 -3.74 31.07
CA ALA A 376 -15.56 -5.00 31.44
C ALA A 376 -14.74 -6.20 30.98
N VAL A 377 -14.12 -6.11 29.79
CA VAL A 377 -13.31 -7.24 29.31
C VAL A 377 -12.11 -7.44 30.22
N VAL A 378 -11.37 -6.36 30.49
CA VAL A 378 -10.15 -6.52 31.29
C VAL A 378 -10.49 -6.99 32.70
N LEU A 379 -11.66 -6.63 33.22
CA LEU A 379 -12.09 -7.13 34.52
C LEU A 379 -12.30 -8.63 34.49
N HIS A 380 -13.03 -9.13 33.49
CA HIS A 380 -13.35 -10.54 33.46
C HIS A 380 -12.11 -11.39 33.21
N TYR A 381 -11.15 -10.90 32.43
CA TYR A 381 -10.04 -11.72 32.00
C TYR A 381 -8.76 -11.49 32.79
N THR A 382 -8.79 -10.65 33.82
CA THR A 382 -7.64 -10.48 34.70
C THR A 382 -7.76 -11.43 35.88
N ASP A 383 -6.67 -12.12 36.18
CA ASP A 383 -6.53 -12.83 37.46
C ASP A 383 -6.01 -11.83 38.47
N TRP A 384 -6.88 -11.37 39.37
CA TRP A 384 -6.50 -10.28 40.25
C TRP A 384 -5.58 -10.71 41.38
N LEU A 385 -5.33 -12.02 41.52
CA LEU A 385 -4.23 -12.49 42.35
C LEU A 385 -2.90 -12.46 41.61
N HIS A 386 -2.91 -12.49 40.28
CA HIS A 386 -1.69 -12.46 39.46
C HIS A 386 -1.89 -11.51 38.28
N PRO A 387 -2.14 -10.22 38.56
CA PRO A 387 -2.54 -9.31 37.48
C PRO A 387 -1.45 -9.01 36.48
N GLU A 388 -0.18 -9.34 36.77
CA GLU A 388 0.94 -8.94 35.93
C GLU A 388 1.74 -10.12 35.39
N ASP A 389 1.29 -11.35 35.62
CA ASP A 389 1.98 -12.53 35.14
C ASP A 389 1.95 -12.58 33.62
N PRO A 390 3.09 -12.50 32.93
CA PRO A 390 3.05 -12.46 31.45
C PRO A 390 2.46 -13.70 30.82
N ALA A 391 2.80 -14.90 31.32
CA ALA A 391 2.24 -16.12 30.75
C ALA A 391 0.71 -16.14 30.87
N ARG A 392 0.17 -15.68 32.01
CA ARG A 392 -1.27 -15.61 32.18
C ARG A 392 -1.89 -14.56 31.28
N LEU A 393 -1.19 -13.46 31.00
CA LEU A 393 -1.73 -12.42 30.14
C LEU A 393 -1.73 -12.85 28.69
N ARG A 394 -0.67 -13.52 28.24
CA ARG A 394 -0.66 -14.09 26.89
C ARG A 394 -1.85 -15.04 26.72
N GLU A 395 -2.03 -15.96 27.62
CA GLU A 395 -3.14 -16.86 27.52
C GLU A 395 -4.47 -16.15 27.62
N ALA A 396 -4.54 -15.11 28.42
CA ALA A 396 -5.81 -14.44 28.61
C ALA A 396 -6.22 -13.67 27.35
N LEU A 397 -5.29 -12.92 26.76
CA LEU A 397 -5.60 -12.21 25.52
C LEU A 397 -5.96 -13.19 24.40
N SER A 398 -5.36 -14.38 24.42
CA SER A 398 -5.78 -15.41 23.47
C SER A 398 -7.24 -15.82 23.72
N ASP A 399 -7.61 -15.97 25.00
CA ASP A 399 -9.00 -16.27 25.33
C ASP A 399 -9.94 -15.13 24.95
N VAL A 400 -9.51 -13.88 25.15
CA VAL A 400 -10.35 -12.75 24.77
C VAL A 400 -10.67 -12.83 23.27
N VAL A 401 -9.65 -12.97 22.44
CA VAL A 401 -9.88 -13.00 21.01
C VAL A 401 -10.67 -14.23 20.60
N GLY A 402 -10.33 -15.39 21.17
CA GLY A 402 -10.99 -16.62 20.77
C GLY A 402 -12.43 -16.70 21.24
N ASP A 403 -12.71 -16.22 22.44
CA ASP A 403 -14.04 -16.25 22.96
C ASP A 403 -14.98 -15.31 22.26
N HIS A 404 -14.53 -14.10 22.07
CA HIS A 404 -15.33 -13.09 21.45
C HIS A 404 -15.65 -13.38 20.03
N ASN A 405 -14.68 -13.85 19.30
CA ASN A 405 -14.87 -14.12 17.91
C ASN A 405 -15.33 -15.47 17.48
N VAL A 406 -15.01 -16.50 18.24
CA VAL A 406 -15.40 -17.82 17.83
C VAL A 406 -16.15 -18.68 18.80
N VAL A 407 -15.57 -18.90 19.95
CA VAL A 407 -16.16 -19.86 20.88
C VAL A 407 -17.57 -19.44 21.30
N CYS A 408 -17.74 -18.18 21.68
CA CYS A 408 -19.02 -17.78 22.25
C CYS A 408 -20.07 -17.56 21.17
N PRO A 409 -19.74 -17.02 19.99
CA PRO A 409 -20.71 -17.10 18.89
C PRO A 409 -21.13 -18.53 18.57
N VAL A 410 -20.20 -19.50 18.56
CA VAL A 410 -20.56 -20.91 18.37
C VAL A 410 -21.52 -21.34 19.47
N ALA A 411 -21.15 -21.09 20.73
CA ALA A 411 -21.97 -21.55 21.86
C ALA A 411 -23.37 -20.97 21.80
N GLN A 412 -23.44 -19.72 21.41
CA GLN A 412 -24.81 -19.10 21.29
CA GLN A 412 -24.76 -19.10 21.22
C GLN A 412 -25.76 -19.69 20.11
N LEU A 413 -25.06 -19.94 19.02
CA LEU A 413 -25.78 -20.60 17.93
C LEU A 413 -26.22 -21.99 18.35
N ALA A 414 -25.31 -22.78 18.94
CA ALA A 414 -25.63 -24.13 19.36
C ALA A 414 -26.80 -24.14 20.34
N GLY A 415 -26.77 -23.25 21.34
CA GLY A 415 -27.83 -23.24 22.34
C GLY A 415 -29.18 -22.87 21.75
N ARG A 416 -29.21 -21.85 20.90
CA ARG A 416 -30.48 -21.42 20.32
C ARG A 416 -31.03 -22.47 19.37
N LEU A 417 -30.17 -23.06 18.54
CA LEU A 417 -30.62 -24.11 17.62
C LEU A 417 -31.18 -25.29 18.39
N ALA A 418 -30.46 -25.74 19.42
CA ALA A 418 -30.91 -26.88 20.22
C ALA A 418 -32.27 -26.61 20.87
N ALA A 419 -32.40 -25.47 21.53
CA ALA A 419 -33.63 -25.13 22.23
C ALA A 419 -34.77 -24.80 21.28
N GLN A 420 -34.56 -24.82 19.96
CA GLN A 420 -35.63 -24.54 19.03
C GLN A 420 -35.82 -25.65 18.01
N GLY A 421 -35.48 -26.88 18.40
CA GLY A 421 -35.85 -28.07 17.64
C GLY A 421 -34.72 -28.79 16.95
N ALA A 422 -33.53 -28.20 16.87
CA ALA A 422 -32.43 -28.85 16.16
C ALA A 422 -31.72 -29.85 17.06
N ARG A 423 -31.21 -30.92 16.45
CA ARG A 423 -30.32 -31.84 17.15
C ARG A 423 -28.88 -31.39 16.88
N VAL A 424 -28.19 -30.97 17.93
CA VAL A 424 -26.88 -30.35 17.83
C VAL A 424 -25.85 -31.30 18.41
N TYR A 425 -24.72 -31.44 17.72
CA TYR A 425 -23.56 -32.14 18.25
C TYR A 425 -22.39 -31.16 18.32
N ALA A 426 -21.73 -31.10 19.47
CA ALA A 426 -20.66 -30.13 19.72
C ALA A 426 -19.37 -30.84 20.09
N TYR A 427 -18.25 -30.28 19.63
CA TYR A 427 -16.93 -30.86 19.87
C TYR A 427 -15.95 -29.74 20.18
N VAL A 428 -14.90 -30.09 20.91
CA VAL A 428 -13.70 -29.27 20.99
C VAL A 428 -12.54 -30.13 20.50
N PHE A 429 -11.78 -29.61 19.54
CA PHE A 429 -10.67 -30.34 18.93
C PHE A 429 -9.40 -30.00 19.70
N GLU A 430 -8.85 -30.99 20.39
CA GLU A 430 -7.78 -30.74 21.36
C GLU A 430 -6.49 -31.47 21.03
N HIS A 431 -6.32 -32.00 19.83
CA HIS A 431 -5.07 -32.65 19.46
C HIS A 431 -4.17 -31.69 18.70
N ARG A 432 -2.93 -31.55 19.17
CA ARG A 432 -1.91 -30.80 18.44
C ARG A 432 -1.14 -31.76 17.54
N ALA A 433 -1.13 -31.49 16.24
CA ALA A 433 -0.46 -32.36 15.30
C ALA A 433 1.05 -32.35 15.52
N SER A 434 1.65 -33.54 15.45
CA SER A 434 3.10 -33.65 15.52
C SER A 434 3.78 -32.82 14.44
N THR A 435 3.09 -32.54 13.38
CA THR A 435 3.74 -31.79 12.35
C THR A 435 3.56 -30.32 12.45
N LEU A 436 2.91 -29.85 13.49
CA LEU A 436 2.61 -28.43 13.60
C LEU A 436 3.89 -27.60 13.65
N SER A 437 3.96 -26.59 12.78
CA SER A 437 5.11 -25.72 12.67
C SER A 437 5.02 -24.48 13.57
N TRP A 438 3.85 -24.18 14.13
CA TRP A 438 3.70 -23.07 15.06
C TRP A 438 4.30 -23.42 16.43
N PRO A 439 4.68 -22.42 17.22
CA PRO A 439 5.23 -22.70 18.55
C PRO A 439 4.21 -23.38 19.46
N LEU A 440 4.72 -23.97 20.54
CA LEU A 440 3.88 -24.73 21.44
C LEU A 440 2.98 -23.87 22.30
N TRP A 441 3.34 -22.60 22.54
CA TRP A 441 2.47 -21.74 23.33
C TRP A 441 1.15 -21.44 22.63
N MET A 442 1.05 -21.72 21.34
CA MET A 442 -0.19 -21.51 20.62
C MET A 442 -1.14 -22.70 20.70
N GLY A 443 -0.69 -23.81 21.29
CA GLY A 443 -1.59 -24.92 21.55
C GLY A 443 -2.10 -25.55 20.27
N VAL A 444 -3.42 -25.73 20.19
CA VAL A 444 -4.07 -26.20 18.97
C VAL A 444 -4.67 -24.98 18.29
N PRO A 445 -4.00 -24.36 17.32
CA PRO A 445 -4.47 -23.10 16.76
C PRO A 445 -5.68 -23.29 15.85
N HIS A 446 -6.32 -22.17 15.55
CA HIS A 446 -7.45 -22.15 14.63
C HIS A 446 -7.02 -22.65 13.26
N GLY A 447 -7.81 -23.53 12.68
CA GLY A 447 -7.55 -24.05 11.35
C GLY A 447 -6.88 -25.41 11.32
N TYR A 448 -6.38 -25.92 12.44
CA TYR A 448 -5.57 -27.13 12.42
C TYR A 448 -6.34 -28.35 12.86
N GLU A 449 -7.67 -28.33 12.75
CA GLU A 449 -8.45 -29.56 12.73
C GLU A 449 -8.80 -30.02 11.32
N ILE A 450 -8.69 -29.13 10.32
CA ILE A 450 -9.12 -29.46 8.96
C ILE A 450 -8.36 -30.66 8.43
N GLU A 451 -7.01 -30.61 8.49
CA GLU A 451 -6.20 -31.65 7.85
C GLU A 451 -6.55 -33.04 8.38
N PHE A 452 -7.00 -33.14 9.64
CA PHE A 452 -7.43 -34.42 10.16
C PHE A 452 -8.81 -34.81 9.63
N ILE A 453 -9.67 -33.81 9.37
CA ILE A 453 -11.00 -34.09 8.85
C ILE A 453 -10.93 -34.59 7.42
N PHE A 454 -10.01 -34.04 6.62
CA PHE A 454 -9.80 -34.49 5.25
C PHE A 454 -8.86 -35.67 5.17
N GLY A 455 -8.44 -36.23 6.31
CA GLY A 455 -7.61 -37.42 6.29
C GLY A 455 -6.24 -37.23 5.68
N ILE A 456 -5.70 -36.03 5.72
CA ILE A 456 -4.35 -35.73 5.24
C ILE A 456 -3.29 -36.58 5.93
N PRO A 457 -3.41 -36.93 7.21
CA PRO A 457 -2.44 -37.88 7.79
C PRO A 457 -2.34 -39.20 7.04
N LEU A 458 -3.36 -39.60 6.27
CA LEU A 458 -3.25 -40.85 5.51
C LEU A 458 -2.22 -40.77 4.39
N ASP A 459 -1.83 -39.59 3.98
CA ASP A 459 -0.84 -39.45 2.93
C ASP A 459 0.54 -39.86 3.42
N PRO A 460 1.11 -40.91 2.85
CA PRO A 460 2.42 -41.36 3.36
C PRO A 460 3.53 -40.36 3.11
N SER A 461 3.39 -39.51 2.10
CA SER A 461 4.35 -38.44 1.88
C SER A 461 4.46 -37.47 3.05
N ARG A 462 3.46 -37.41 3.93
CA ARG A 462 3.53 -36.56 5.10
C ARG A 462 4.08 -37.33 6.30
N ASN A 463 4.35 -36.60 7.38
CA ASN A 463 5.14 -37.12 8.49
C ASN A 463 4.31 -37.39 9.74
N TYR A 464 3.05 -37.78 9.57
CA TYR A 464 2.17 -38.03 10.71
C TYR A 464 2.45 -39.42 11.30
N THR A 465 2.06 -39.58 12.57
CA THR A 465 2.25 -40.82 13.31
C THR A 465 1.13 -41.82 13.02
N ALA A 466 1.39 -43.07 13.40
CA ALA A 466 0.35 -44.09 13.27
C ALA A 466 -0.88 -43.74 14.11
N GLU A 467 -0.65 -43.17 15.27
CA GLU A 467 -1.76 -42.81 16.11
C GLU A 467 -2.57 -41.70 15.47
N GLU A 468 -1.93 -40.83 14.74
CA GLU A 468 -2.63 -39.72 14.07
C GLU A 468 -3.42 -40.20 12.86
N LYS A 469 -2.92 -41.23 12.17
CA LYS A 469 -3.69 -41.80 11.05
C LYS A 469 -4.98 -42.43 11.54
N ILE A 470 -4.92 -43.17 12.66
CA ILE A 470 -6.14 -43.74 13.23
C ILE A 470 -7.07 -42.64 13.70
N PHE A 471 -6.49 -41.57 14.28
CA PHE A 471 -7.28 -40.42 14.70
C PHE A 471 -8.00 -39.79 13.52
N ALA A 472 -7.28 -39.59 12.41
CA ALA A 472 -7.90 -39.02 11.21
C ALA A 472 -9.01 -39.92 10.69
N GLN A 473 -8.80 -41.25 10.72
CA GLN A 473 -9.84 -42.15 10.25
C GLN A 473 -11.07 -42.10 11.14
N ARG A 474 -10.86 -41.96 12.45
CA ARG A 474 -11.98 -41.83 13.37
C ARG A 474 -12.75 -40.52 13.10
N LEU A 475 -12.02 -39.45 12.77
CA LEU A 475 -12.68 -38.17 12.51
C LEU A 475 -13.47 -38.20 11.20
N MET A 476 -12.87 -38.75 10.14
CA MET A 476 -13.60 -38.90 8.88
C MET A 476 -14.87 -39.74 9.07
N ARG A 477 -14.80 -40.75 9.94
CA ARG A 477 -15.95 -41.58 10.24
C ARG A 477 -17.06 -40.77 10.92
N TYR A 478 -16.70 -39.98 11.95
CA TYR A 478 -17.70 -39.12 12.61
C TYR A 478 -18.39 -38.21 11.61
N TRP A 479 -17.61 -37.46 10.82
CA TRP A 479 -18.19 -36.50 9.90
C TRP A 479 -19.09 -37.19 8.87
N ALA A 480 -18.63 -38.30 8.32
CA ALA A 480 -19.42 -39.00 7.30
C ALA A 480 -20.64 -39.66 7.91
N ASN A 481 -20.51 -40.26 9.10
CA ASN A 481 -21.68 -40.75 9.82
C ASN A 481 -22.75 -39.67 9.91
N PHE A 482 -22.33 -38.46 10.30
CA PHE A 482 -23.26 -37.34 10.43
C PHE A 482 -23.88 -36.99 9.08
N ALA A 483 -23.08 -36.99 8.01
CA ALA A 483 -23.61 -36.66 6.69
C ALA A 483 -24.62 -37.69 6.21
N ARG A 484 -24.51 -38.94 6.67
CA ARG A 484 -25.45 -39.98 6.28
C ARG A 484 -26.73 -39.99 7.12
N THR A 485 -26.62 -39.72 8.42
CA THR A 485 -27.72 -39.94 9.33
C THR A 485 -28.05 -38.74 10.22
N GLY A 486 -27.27 -37.67 10.17
CA GLY A 486 -27.45 -36.61 11.15
C GLY A 486 -26.98 -36.97 12.54
N ASP A 487 -26.24 -38.06 12.68
CA ASP A 487 -25.74 -38.53 13.96
C ASP A 487 -24.32 -39.03 13.75
N PRO A 488 -23.32 -38.41 14.38
CA PRO A 488 -21.92 -38.86 14.16
C PRO A 488 -21.61 -40.20 14.81
N ASN A 489 -22.51 -40.73 15.64
CA ASN A 489 -22.20 -41.92 16.42
C ASN A 489 -22.21 -43.15 15.54
N GLU A 490 -21.28 -44.06 15.82
CA GLU A 490 -21.20 -45.29 15.04
C GLU A 490 -22.41 -46.17 15.33
N PRO A 491 -23.24 -46.50 14.32
CA PRO A 491 -24.50 -47.25 14.48
C PRO A 491 -24.30 -48.67 14.99
N ALA A 496 -18.31 -48.62 22.48
CA ALA A 496 -17.92 -47.31 21.95
C ALA A 496 -18.58 -46.18 22.75
N PRO A 497 -17.77 -45.32 23.37
CA PRO A 497 -18.33 -44.19 24.11
C PRO A 497 -19.10 -43.27 23.16
N GLN A 498 -20.20 -42.73 23.65
CA GLN A 498 -21.17 -42.09 22.78
C GLN A 498 -21.08 -40.57 22.84
N TRP A 499 -21.31 -39.95 21.68
CA TRP A 499 -21.33 -38.49 21.54
C TRP A 499 -22.76 -38.03 21.79
N PRO A 500 -23.07 -37.42 22.93
CA PRO A 500 -24.44 -37.01 23.20
C PRO A 500 -24.75 -35.68 22.55
N PRO A 501 -26.00 -35.45 22.18
CA PRO A 501 -26.36 -34.14 21.62
C PRO A 501 -26.15 -33.01 22.62
N TYR A 502 -25.84 -31.84 22.07
CA TYR A 502 -25.66 -30.64 22.87
C TYR A 502 -27.01 -30.00 23.14
N THR A 503 -27.31 -29.73 24.41
CA THR A 503 -28.55 -29.07 24.81
C THR A 503 -28.24 -27.77 25.55
N ALA A 504 -29.23 -26.87 25.58
CA ALA A 504 -29.02 -25.57 26.22
C ALA A 504 -28.75 -25.71 27.72
N GLY A 505 -29.34 -26.69 28.38
CA GLY A 505 -29.11 -26.88 29.79
C GLY A 505 -27.88 -27.69 30.11
N ALA A 506 -27.79 -28.90 29.56
CA ALA A 506 -26.67 -29.78 29.88
C ALA A 506 -25.38 -29.30 29.21
N GLN A 507 -25.47 -28.70 28.02
CA GLN A 507 -24.33 -28.11 27.33
C GLN A 507 -23.20 -29.12 27.11
N GLN A 508 -23.56 -30.38 26.83
CA GLN A 508 -22.57 -31.42 26.68
C GLN A 508 -21.91 -31.36 25.31
N TYR A 509 -20.60 -31.60 25.29
CA TYR A 509 -19.83 -31.71 24.07
C TYR A 509 -18.75 -32.78 24.31
N VAL A 510 -18.02 -33.12 23.25
CA VAL A 510 -16.94 -34.09 23.39
C VAL A 510 -15.62 -33.44 22.99
N SER A 511 -14.54 -33.91 23.60
CA SER A 511 -13.20 -33.55 23.19
C SER A 511 -12.74 -34.55 22.14
N LEU A 512 -12.17 -34.04 21.04
CA LEU A 512 -11.62 -34.85 19.97
C LEU A 512 -10.10 -34.82 20.08
N ASP A 513 -9.51 -35.95 20.47
CA ASP A 513 -8.06 -36.12 20.49
C ASP A 513 -7.77 -37.60 20.35
N LEU A 514 -6.52 -38.00 20.59
CA LEU A 514 -6.15 -39.40 20.45
C LEU A 514 -6.78 -40.27 21.53
N ARG A 515 -7.17 -39.69 22.66
CA ARG A 515 -7.91 -40.43 23.67
C ARG A 515 -9.33 -40.69 23.18
N PRO A 516 -10.01 -41.68 23.74
CA PRO A 516 -11.42 -41.90 23.37
C PRO A 516 -12.25 -40.67 23.73
N LEU A 517 -13.47 -40.65 23.19
CA LEU A 517 -14.38 -39.53 23.43
C LEU A 517 -14.59 -39.32 24.92
N GLU A 518 -14.36 -38.09 25.37
CA GLU A 518 -14.64 -37.67 26.73
C GLU A 518 -15.72 -36.59 26.69
N VAL A 519 -16.78 -36.78 27.45
CA VAL A 519 -17.89 -35.84 27.50
C VAL A 519 -17.60 -34.77 28.54
N ARG A 520 -17.88 -33.53 28.19
CA ARG A 520 -17.68 -32.40 29.05
C ARG A 520 -18.86 -31.49 28.95
N ARG A 521 -19.00 -30.59 29.91
CA ARG A 521 -20.09 -29.66 29.95
C ARG A 521 -19.60 -28.26 29.85
N GLY A 522 -20.26 -27.45 29.07
CA GLY A 522 -19.91 -26.06 28.95
C GLY A 522 -18.84 -25.56 28.04
N LEU A 523 -19.23 -24.84 27.01
CA LEU A 523 -18.26 -24.26 26.12
C LEU A 523 -17.93 -22.93 26.71
N ARG A 524 -17.02 -22.89 27.67
CA ARG A 524 -16.66 -21.66 28.30
C ARG A 524 -17.90 -20.97 28.78
N ALA A 525 -18.70 -21.68 29.55
CA ALA A 525 -19.98 -21.15 29.96
C ALA A 525 -19.84 -19.79 30.68
N GLN A 526 -18.85 -19.67 31.58
CA GLN A 526 -18.67 -18.43 32.32
C GLN A 526 -18.27 -17.28 31.39
N ALA A 527 -17.22 -17.50 30.59
CA ALA A 527 -16.76 -16.46 29.68
C ALA A 527 -17.86 -16.04 28.71
N CYS A 528 -18.64 -17.00 28.21
CA CYS A 528 -19.63 -16.70 27.18
C CYS A 528 -20.88 -16.02 27.74
N ALA A 529 -21.18 -16.23 29.02
CA ALA A 529 -22.22 -15.44 29.68
C ALA A 529 -21.90 -13.96 29.58
N PHE A 530 -20.63 -13.60 29.80
CA PHE A 530 -20.21 -12.21 29.66
C PHE A 530 -20.44 -11.70 28.24
N TRP A 531 -20.02 -12.46 27.24
CA TRP A 531 -20.08 -11.98 25.86
C TRP A 531 -21.49 -12.03 25.30
N ASN A 532 -22.25 -13.07 25.64
CA ASN A 532 -23.58 -13.28 25.05
C ASN A 532 -24.72 -12.66 25.85
N ARG A 533 -24.55 -12.51 27.14
CA ARG A 533 -25.58 -11.96 27.97
C ARG A 533 -25.38 -10.57 28.52
N PHE A 534 -24.28 -10.33 29.21
CA PHE A 534 -24.07 -9.01 29.81
C PHE A 534 -23.68 -7.98 28.75
N LEU A 535 -22.55 -8.18 28.10
CA LEU A 535 -22.00 -7.15 27.22
C LEU A 535 -23.01 -6.54 26.25
N PRO A 536 -23.80 -7.38 25.58
CA PRO A 536 -24.80 -6.90 24.62
C PRO A 536 -25.72 -5.85 25.25
N LYS A 537 -26.14 -6.09 26.49
CA LYS A 537 -27.01 -5.16 27.19
C LYS A 537 -26.29 -3.86 27.54
N LEU A 538 -24.98 -3.96 27.76
CA LEU A 538 -24.16 -2.81 28.10
C LEU A 538 -24.14 -1.80 26.96
N LEU A 539 -24.00 -2.29 25.73
CA LEU A 539 -23.95 -1.43 24.55
C LEU A 539 -25.25 -0.66 24.40
N SER A 540 -26.37 -1.34 24.54
CA SER A 540 -27.69 -0.71 24.41
C SER A 540 -27.80 0.50 25.33
N ALA A 541 -27.60 0.27 26.64
CA ALA A 541 -27.68 1.34 27.61
C ALA A 541 -26.45 2.25 27.54
N GLU B 3 47.28 13.94 -27.92
CA GLU B 3 46.15 13.78 -27.00
C GLU B 3 46.53 14.22 -25.58
N ASP B 4 45.70 15.06 -24.98
CA ASP B 4 45.91 15.47 -23.59
C ASP B 4 45.50 14.35 -22.66
N ALA B 5 46.44 13.90 -21.83
CA ALA B 5 46.16 12.79 -20.93
C ALA B 5 45.14 13.15 -19.87
N GLU B 6 45.03 14.44 -19.52
CA GLU B 6 44.08 14.85 -18.48
C GLU B 6 42.63 14.69 -18.94
N LEU B 7 42.37 14.76 -20.24
CA LEU B 7 41.02 14.65 -20.76
C LEU B 7 40.63 13.24 -21.13
N LEU B 8 41.47 12.25 -20.82
CA LEU B 8 41.17 10.84 -21.10
C LEU B 8 41.00 10.13 -19.78
N VAL B 9 39.86 9.46 -19.61
CA VAL B 9 39.51 8.78 -18.39
C VAL B 9 38.80 7.50 -18.76
N THR B 10 39.03 6.44 -18.01
CA THR B 10 38.37 5.16 -18.23
C THR B 10 37.44 4.88 -17.06
N VAL B 11 36.15 4.81 -17.36
CA VAL B 11 35.16 4.37 -16.40
C VAL B 11 34.82 2.93 -16.70
N ARG B 12 34.03 2.31 -15.83
CA ARG B 12 33.77 0.88 -15.94
C ARG B 12 33.06 0.51 -17.24
N GLY B 13 32.47 1.47 -17.95
CA GLY B 13 31.77 1.17 -19.18
C GLY B 13 32.60 1.31 -20.44
N GLY B 14 33.71 2.03 -20.34
CA GLY B 14 34.52 2.32 -21.52
C GLY B 14 35.38 3.54 -21.28
N ARG B 15 35.89 4.08 -22.37
CA ARG B 15 36.78 5.24 -22.31
C ARG B 15 36.06 6.51 -22.72
N LEU B 16 36.48 7.61 -22.11
CA LEU B 16 35.86 8.91 -22.29
C LEU B 16 36.92 9.93 -22.67
N ARG B 17 36.50 10.91 -23.48
CA ARG B 17 37.31 12.07 -23.83
C ARG B 17 36.55 13.31 -23.42
N GLY B 18 37.22 14.22 -22.70
CA GLY B 18 36.62 15.42 -22.19
C GLY B 18 37.15 16.67 -22.86
N ILE B 19 36.92 17.81 -22.19
CA ILE B 19 37.33 19.12 -22.68
C ILE B 19 37.93 19.91 -21.52
N ARG B 20 38.85 20.80 -21.85
CA ARG B 20 39.42 21.75 -20.90
C ARG B 20 38.63 23.04 -20.99
N LEU B 21 37.88 23.34 -19.93
CA LEU B 21 37.13 24.59 -19.85
C LEU B 21 37.99 25.70 -19.27
N LYS B 22 37.93 26.87 -19.89
CA LYS B 22 38.59 28.05 -19.36
C LYS B 22 37.70 28.74 -18.34
N THR B 23 38.28 29.14 -17.22
CA THR B 23 37.65 29.98 -16.23
C THR B 23 38.56 31.15 -15.95
N PRO B 24 38.05 32.23 -15.36
CA PRO B 24 38.95 33.33 -14.96
C PRO B 24 40.11 32.87 -14.08
N GLY B 25 39.86 31.99 -13.11
CA GLY B 25 40.92 31.54 -12.24
C GLY B 25 41.88 30.56 -12.87
N GLY B 26 41.44 29.80 -13.86
CA GLY B 26 42.27 28.79 -14.47
C GLY B 26 41.46 27.71 -15.16
N PRO B 27 42.14 26.66 -15.62
CA PRO B 27 41.44 25.60 -16.36
C PRO B 27 40.81 24.57 -15.44
N VAL B 28 39.75 23.94 -15.94
CA VAL B 28 39.12 22.79 -15.30
C VAL B 28 38.77 21.78 -16.38
N SER B 29 38.69 20.51 -15.99
CA SER B 29 38.40 19.42 -16.91
C SER B 29 36.92 19.08 -16.80
N ALA B 30 36.22 19.11 -17.93
CA ALA B 30 34.80 18.80 -17.98
C ALA B 30 34.56 17.56 -18.83
N PHE B 31 33.69 16.68 -18.32
CA PHE B 31 33.25 15.49 -19.03
C PHE B 31 31.72 15.57 -19.11
N LEU B 32 31.25 16.25 -20.15
CA LEU B 32 29.83 16.60 -20.29
C LEU B 32 29.14 15.63 -21.24
N GLY B 33 28.05 15.01 -20.76
CA GLY B 33 27.27 14.13 -21.60
C GLY B 33 27.71 12.68 -21.54
N ILE B 34 28.11 12.22 -20.36
CA ILE B 34 28.47 10.81 -20.16
C ILE B 34 27.21 9.98 -20.03
N PRO B 35 27.00 8.98 -20.89
CA PRO B 35 25.81 8.14 -20.76
C PRO B 35 25.92 7.23 -19.52
N PHE B 36 24.87 7.24 -18.69
CA PHE B 36 24.83 6.36 -17.54
C PHE B 36 23.67 5.38 -17.57
N ALA B 37 22.77 5.50 -18.53
CA ALA B 37 21.69 4.54 -18.69
C ALA B 37 21.44 4.31 -20.16
N GLU B 38 20.84 3.16 -20.48
CA GLU B 38 20.33 2.95 -21.82
C GLU B 38 19.22 3.96 -22.10
N PRO B 39 19.12 4.49 -23.32
CA PRO B 39 18.07 5.45 -23.64
C PRO B 39 16.69 4.91 -23.35
N PRO B 40 15.94 5.56 -22.46
CA PRO B 40 14.60 5.08 -22.08
C PRO B 40 13.54 5.41 -23.12
N MET B 41 13.65 4.75 -24.24
CA MET B 41 12.72 4.99 -25.33
C MET B 41 11.99 3.79 -25.83
N GLY B 42 10.92 4.05 -26.54
CA GLY B 42 10.14 2.98 -27.12
C GLY B 42 9.64 2.11 -26.02
N PRO B 43 9.99 0.86 -26.09
CA PRO B 43 9.58 -0.10 -25.04
C PRO B 43 10.08 0.27 -23.65
N ARG B 44 11.12 1.10 -23.54
CA ARG B 44 11.70 1.47 -22.26
C ARG B 44 11.09 2.73 -21.64
N ARG B 45 10.12 3.34 -22.32
CA ARG B 45 9.41 4.48 -21.77
C ARG B 45 8.59 4.05 -20.55
N PHE B 46 8.60 4.89 -19.51
CA PHE B 46 7.97 4.66 -18.21
C PHE B 46 8.65 3.56 -17.41
N LEU B 47 9.77 3.02 -17.87
CA LEU B 47 10.41 1.91 -17.19
C LEU B 47 11.59 2.40 -16.35
N PRO B 48 11.97 1.65 -15.31
CA PRO B 48 13.18 2.01 -14.58
C PRO B 48 14.38 2.02 -15.50
N PRO B 49 15.41 2.80 -15.17
CA PRO B 49 16.56 2.90 -16.08
C PRO B 49 17.39 1.63 -16.09
N GLU B 50 17.79 1.22 -17.30
CA GLU B 50 18.75 0.12 -17.36
C GLU B 50 20.17 0.68 -17.44
N PRO B 51 21.11 0.10 -16.71
CA PRO B 51 22.49 0.63 -16.74
C PRO B 51 23.05 0.61 -18.16
N LYS B 52 23.91 1.59 -18.44
CA LYS B 52 24.50 1.74 -19.76
C LYS B 52 25.38 0.54 -20.09
N GLN B 53 25.07 -0.15 -21.18
CA GLN B 53 25.89 -1.27 -21.61
CA GLN B 53 25.89 -1.27 -21.60
C GLN B 53 27.29 -0.77 -21.97
N PRO B 54 28.33 -1.50 -21.60
CA PRO B 54 29.70 -1.02 -21.90
C PRO B 54 29.91 -0.85 -23.39
N TRP B 55 30.85 0.02 -23.74
CA TRP B 55 31.11 0.39 -25.13
C TRP B 55 32.59 0.21 -25.46
N SER B 56 32.86 -0.02 -26.74
CA SER B 56 34.23 0.00 -27.25
C SER B 56 34.57 1.38 -27.78
N GLY B 57 35.88 1.65 -27.88
CA GLY B 57 36.32 2.95 -28.34
C GLY B 57 36.20 4.03 -27.27
N VAL B 58 36.16 5.28 -27.73
CA VAL B 58 36.18 6.45 -26.86
C VAL B 58 34.90 7.26 -27.11
N VAL B 59 34.14 7.47 -26.03
CA VAL B 59 32.95 8.32 -26.09
C VAL B 59 33.37 9.75 -25.80
N ASP B 60 33.06 10.67 -26.71
CA ASP B 60 33.37 12.08 -26.53
C ASP B 60 32.33 12.69 -25.60
N ALA B 61 32.73 12.96 -24.35
CA ALA B 61 31.91 13.70 -23.40
C ALA B 61 32.36 15.17 -23.44
N THR B 62 31.94 15.86 -24.48
CA THR B 62 32.47 17.19 -24.78
C THR B 62 31.41 18.28 -24.81
N THR B 63 30.13 17.94 -24.63
CA THR B 63 29.06 18.94 -24.62
C THR B 63 27.84 18.34 -23.95
N PHE B 64 26.98 19.22 -23.45
CA PHE B 64 25.78 18.76 -22.76
C PHE B 64 24.87 18.01 -23.72
N GLN B 65 24.36 16.86 -23.27
CA GLN B 65 23.45 16.09 -24.09
C GLN B 65 22.03 16.68 -23.99
N SER B 66 21.06 15.98 -24.56
CA SER B 66 19.72 16.51 -24.74
C SER B 66 19.01 16.70 -23.40
N VAL B 67 18.13 17.70 -23.37
CA VAL B 67 17.22 17.91 -22.26
C VAL B 67 16.11 16.88 -22.33
N CYS B 68 15.76 16.30 -21.18
CA CYS B 68 14.64 15.37 -21.15
C CYS B 68 13.35 16.07 -21.57
N TYR B 69 12.49 15.33 -22.26
CA TYR B 69 11.23 15.89 -22.76
C TYR B 69 10.43 16.54 -21.64
N GLN B 70 9.97 17.77 -21.90
CA GLN B 70 9.35 18.57 -20.85
C GLN B 70 8.62 19.75 -21.46
N TYR B 71 7.67 20.27 -20.69
CA TYR B 71 6.96 21.49 -21.03
C TYR B 71 7.94 22.66 -21.08
N VAL B 72 7.68 23.61 -21.98
CA VAL B 72 8.46 24.83 -22.11
C VAL B 72 7.57 26.01 -21.74
N ASP B 73 8.01 26.83 -20.80
CA ASP B 73 7.18 27.91 -20.29
C ASP B 73 7.12 29.05 -21.29
N THR B 74 5.90 29.47 -21.61
CA THR B 74 5.64 30.46 -22.65
C THR B 74 5.07 31.77 -22.12
N LEU B 75 5.08 31.97 -20.80
CA LEU B 75 4.34 33.09 -20.20
C LEU B 75 4.89 34.43 -20.65
N TYR B 76 6.19 34.66 -20.47
CA TYR B 76 6.85 35.90 -20.88
C TYR B 76 7.93 35.55 -21.91
N PRO B 77 7.56 35.41 -23.18
CA PRO B 77 8.54 34.97 -24.19
C PRO B 77 9.66 35.98 -24.38
N GLY B 78 10.90 35.47 -24.41
CA GLY B 78 12.07 36.30 -24.55
C GLY B 78 12.55 36.95 -23.27
N PHE B 79 11.77 36.86 -22.18
CA PHE B 79 12.13 37.51 -20.93
C PHE B 79 13.16 36.67 -20.19
N GLU B 80 14.24 37.31 -19.74
CA GLU B 80 15.36 36.57 -19.15
C GLU B 80 14.92 35.77 -17.92
N GLY B 81 14.06 36.35 -17.08
CA GLY B 81 13.71 35.71 -15.83
C GLY B 81 13.07 34.35 -15.99
N THR B 82 12.38 34.12 -17.11
CA THR B 82 11.82 32.82 -17.41
C THR B 82 12.64 32.01 -18.39
N GLU B 83 13.34 32.65 -19.33
CA GLU B 83 14.08 31.90 -20.35
C GLU B 83 15.30 31.18 -19.77
N MET B 84 15.84 31.66 -18.65
CA MET B 84 17.01 31.02 -18.05
C MET B 84 16.70 29.61 -17.54
N TRP B 85 15.44 29.27 -17.35
CA TRP B 85 15.05 27.96 -16.84
C TRP B 85 14.60 27.00 -17.94
N ASN B 86 14.40 27.50 -19.16
CA ASN B 86 13.89 26.75 -20.29
C ASN B 86 15.02 25.95 -20.96
N PRO B 87 14.70 24.84 -21.62
CA PRO B 87 15.75 23.98 -22.16
C PRO B 87 16.68 24.74 -23.10
N ASN B 88 17.99 24.59 -22.86
CA ASN B 88 19.01 25.15 -23.73
C ASN B 88 19.64 24.08 -24.60
N ARG B 89 19.03 22.91 -24.63
CA ARG B 89 19.33 21.88 -25.60
C ARG B 89 18.02 21.39 -26.19
N GLU B 90 18.16 20.43 -27.09
CA GLU B 90 17.04 19.81 -27.76
C GLU B 90 16.30 18.90 -26.81
N LEU B 91 14.98 18.81 -27.01
CA LEU B 91 14.17 17.90 -26.23
C LEU B 91 14.25 16.51 -26.85
N SER B 92 14.58 15.52 -26.03
CA SER B 92 14.65 14.14 -26.48
C SER B 92 14.37 13.24 -25.29
N GLU B 93 13.78 12.08 -25.56
CA GLU B 93 13.67 11.06 -24.53
C GLU B 93 15.00 10.36 -24.28
N ASP B 94 15.96 10.49 -25.21
CA ASP B 94 17.33 9.99 -25.00
C ASP B 94 18.08 11.10 -24.28
N CYS B 95 17.97 11.11 -22.94
CA CYS B 95 18.49 12.22 -22.15
C CYS B 95 19.24 11.80 -20.90
N LEU B 96 19.43 10.50 -20.67
CA LEU B 96 20.02 10.03 -19.42
C LEU B 96 21.54 10.11 -19.52
N TYR B 97 22.05 11.33 -19.34
CA TYR B 97 23.49 11.61 -19.36
C TYR B 97 23.83 12.46 -18.14
N LEU B 98 25.06 12.29 -17.63
CA LEU B 98 25.53 13.06 -16.50
C LEU B 98 26.81 13.79 -16.86
N ASN B 99 27.18 14.75 -16.02
CA ASN B 99 28.34 15.60 -16.24
C ASN B 99 29.29 15.52 -15.06
N VAL B 100 30.58 15.71 -15.32
CA VAL B 100 31.60 15.64 -14.27
C VAL B 100 32.57 16.79 -14.49
N TRP B 101 32.81 17.58 -13.45
CA TRP B 101 33.82 18.62 -13.47
C TRP B 101 34.90 18.27 -12.45
N THR B 102 36.15 18.52 -12.82
CA THR B 102 37.29 18.16 -11.99
C THR B 102 38.43 19.14 -12.20
N PRO B 103 39.27 19.38 -11.19
CA PRO B 103 40.37 20.35 -11.37
C PRO B 103 41.37 19.93 -12.43
N TYR B 104 42.07 20.93 -12.95
CA TYR B 104 43.09 20.75 -13.98
C TYR B 104 44.42 21.24 -13.42
N PRO B 105 45.39 20.36 -13.12
CA PRO B 105 45.32 18.91 -13.38
C PRO B 105 44.52 18.13 -12.34
N ARG B 106 44.19 16.89 -12.70
CA ARG B 106 43.40 16.00 -11.86
C ARG B 106 43.98 15.95 -10.45
N PRO B 107 43.14 15.88 -9.42
CA PRO B 107 43.67 15.89 -8.05
C PRO B 107 44.52 14.68 -7.77
N THR B 108 45.60 14.85 -7.00
CA THR B 108 46.45 13.72 -6.62
C THR B 108 45.82 12.80 -5.59
N SER B 109 45.30 13.36 -4.53
CA SER B 109 44.57 12.63 -3.52
C SER B 109 43.06 12.73 -3.76
N PRO B 110 42.27 11.78 -3.25
CA PRO B 110 40.82 11.84 -3.45
C PRO B 110 40.22 13.12 -2.90
N THR B 111 39.25 13.67 -3.63
CA THR B 111 38.56 14.92 -3.32
C THR B 111 37.09 14.72 -3.17
N PRO B 112 36.46 15.50 -2.30
CA PRO B 112 35.01 15.34 -2.07
C PRO B 112 34.17 15.74 -3.27
N VAL B 113 32.97 15.18 -3.35
CA VAL B 113 32.08 15.42 -4.48
C VAL B 113 30.89 16.25 -4.03
N LEU B 114 30.45 17.13 -4.93
CA LEU B 114 29.10 17.67 -4.90
C LEU B 114 28.33 17.06 -6.06
N VAL B 115 27.08 16.66 -5.82
CA VAL B 115 26.22 16.11 -6.86
C VAL B 115 24.94 16.96 -6.92
N TRP B 116 24.78 17.68 -8.02
CA TRP B 116 23.66 18.60 -8.19
C TRP B 116 22.43 17.87 -8.74
N ILE B 117 21.28 18.13 -8.14
CA ILE B 117 19.99 17.66 -8.66
C ILE B 117 19.14 18.89 -8.92
N TYR B 118 18.89 19.19 -10.19
CA TYR B 118 18.13 20.38 -10.52
C TYR B 118 16.66 20.24 -10.14
N GLY B 119 16.01 21.39 -9.98
CA GLY B 119 14.58 21.46 -9.75
C GLY B 119 13.81 21.75 -11.03
N GLY B 120 12.54 22.10 -10.84
CA GLY B 120 11.65 22.35 -11.96
C GLY B 120 10.30 21.66 -11.82
N GLY B 121 9.84 21.50 -10.58
CA GLY B 121 8.52 20.96 -10.31
C GLY B 121 8.30 19.53 -10.72
N PHE B 122 9.36 18.75 -10.90
CA PHE B 122 9.34 17.38 -11.42
C PHE B 122 8.78 17.30 -12.83
N TYR B 123 8.51 18.43 -13.48
CA TYR B 123 8.07 18.45 -14.88
C TYR B 123 9.05 19.14 -15.82
N SER B 124 10.16 19.70 -15.33
CA SER B 124 11.06 20.46 -16.18
C SER B 124 12.44 20.49 -15.53
N GLY B 125 13.38 21.11 -16.24
CA GLY B 125 14.73 21.26 -15.72
C GLY B 125 15.76 20.49 -16.54
N ALA B 126 17.02 20.87 -16.39
CA ALA B 126 18.10 20.23 -17.13
C ALA B 126 19.42 20.60 -16.47
N SER B 127 20.38 19.67 -16.54
CA SER B 127 21.68 19.94 -15.96
C SER B 127 22.52 20.87 -16.83
N SER B 128 22.09 21.15 -18.05
CA SER B 128 22.86 21.96 -18.99
C SER B 128 22.64 23.46 -18.81
N LEU B 129 21.73 23.89 -17.94
CA LEU B 129 21.43 25.31 -17.81
C LEU B 129 22.67 26.09 -17.38
N ASP B 130 22.78 27.32 -17.90
CA ASP B 130 23.95 28.15 -17.64
C ASP B 130 24.17 28.38 -16.15
N VAL B 131 23.08 28.52 -15.38
CA VAL B 131 23.22 28.78 -13.95
C VAL B 131 23.69 27.57 -13.17
N TYR B 132 23.79 26.41 -13.82
CA TYR B 132 24.32 25.20 -13.20
C TYR B 132 25.74 24.90 -13.66
N ASP B 133 26.35 25.80 -14.44
CA ASP B 133 27.71 25.63 -14.89
C ASP B 133 28.64 25.35 -13.72
N GLY B 134 29.25 24.17 -13.73
CA GLY B 134 30.07 23.72 -12.62
C GLY B 134 31.50 24.22 -12.61
N ARG B 135 31.94 24.97 -13.62
CA ARG B 135 33.35 25.28 -13.76
C ARG B 135 33.85 26.21 -12.66
N PHE B 136 33.02 27.19 -12.24
CA PHE B 136 33.50 28.17 -11.26
C PHE B 136 33.66 27.55 -9.88
N LEU B 137 32.71 26.72 -9.45
CA LEU B 137 32.82 26.09 -8.14
C LEU B 137 34.06 25.21 -8.10
N VAL B 138 34.27 24.39 -9.13
CA VAL B 138 35.34 23.41 -9.07
C VAL B 138 36.70 24.10 -9.15
N GLN B 139 36.80 25.17 -9.94
CA GLN B 139 38.04 25.94 -9.98
C GLN B 139 38.29 26.67 -8.66
N ALA B 140 37.23 27.25 -8.07
CA ALA B 140 37.41 28.07 -6.88
C ALA B 140 37.69 27.22 -5.65
N GLU B 141 37.06 26.07 -5.55
CA GLU B 141 37.20 25.26 -4.37
C GLU B 141 37.81 23.90 -4.54
N ARG B 142 38.31 23.62 -5.72
CA ARG B 142 38.95 22.35 -6.04
C ARG B 142 38.06 21.19 -5.62
N THR B 143 36.82 21.23 -6.09
CA THR B 143 35.84 20.19 -5.85
C THR B 143 35.58 19.42 -7.12
N VAL B 144 35.09 18.19 -6.97
CA VAL B 144 34.48 17.45 -8.07
C VAL B 144 32.98 17.70 -8.03
N LEU B 145 32.42 18.24 -9.13
CA LEU B 145 30.98 18.41 -9.25
C LEU B 145 30.43 17.47 -10.30
N VAL B 146 29.39 16.72 -9.93
CA VAL B 146 28.63 15.87 -10.83
C VAL B 146 27.19 16.40 -10.87
N SER B 147 26.60 16.37 -12.06
CA SER B 147 25.16 16.61 -12.20
C SER B 147 24.61 15.66 -13.24
N MET B 148 23.35 15.29 -13.09
CA MET B 148 22.73 14.33 -13.99
C MET B 148 21.39 14.87 -14.49
N ASN B 149 20.98 14.38 -15.66
CA ASN B 149 19.62 14.58 -16.13
C ASN B 149 18.75 13.44 -15.62
N TYR B 150 17.50 13.75 -15.31
CA TYR B 150 16.55 12.73 -14.92
C TYR B 150 15.23 13.04 -15.60
N ARG B 151 14.47 11.98 -15.88
CA ARG B 151 13.21 12.14 -16.60
C ARG B 151 12.21 12.90 -15.74
N VAL B 152 11.53 13.86 -16.36
CA VAL B 152 10.54 14.67 -15.68
C VAL B 152 9.19 14.45 -16.35
N GLY B 153 8.14 14.97 -15.72
CA GLY B 153 6.81 14.81 -16.27
C GLY B 153 6.31 13.37 -16.23
N ALA B 154 5.37 13.08 -17.12
CA ALA B 154 4.85 11.72 -17.23
C ALA B 154 5.97 10.73 -17.52
N PHE B 155 6.99 11.15 -18.29
CA PHE B 155 8.09 10.25 -18.61
C PHE B 155 8.86 9.81 -17.37
N GLY B 156 8.79 10.57 -16.28
CA GLY B 156 9.56 10.22 -15.11
C GLY B 156 8.74 9.82 -13.90
N PHE B 157 7.46 10.22 -13.88
CA PHE B 157 6.67 10.04 -12.67
C PHE B 157 5.23 9.63 -12.93
N LEU B 158 4.86 9.30 -14.17
CA LEU B 158 3.58 8.66 -14.37
C LEU B 158 3.60 7.30 -13.69
N ALA B 159 2.56 7.00 -12.92
CA ALA B 159 2.52 5.76 -12.17
C ALA B 159 1.15 5.13 -12.33
N LEU B 160 1.14 3.85 -12.71
CA LEU B 160 0.00 2.97 -12.50
C LEU B 160 0.42 2.02 -11.39
N PRO B 161 0.25 2.41 -10.12
CA PRO B 161 0.91 1.68 -9.03
C PRO B 161 0.51 0.21 -9.00
N GLY B 162 1.51 -0.64 -8.72
CA GLY B 162 1.36 -2.06 -8.78
C GLY B 162 1.77 -2.69 -10.09
N SER B 163 1.67 -1.94 -11.19
CA SER B 163 2.04 -2.45 -12.51
C SER B 163 3.55 -2.45 -12.69
N ARG B 164 4.02 -3.34 -13.55
CA ARG B 164 5.44 -3.44 -13.89
C ARG B 164 5.88 -2.52 -14.97
N GLU B 165 4.93 -2.11 -15.81
CA GLU B 165 5.23 -1.23 -16.94
C GLU B 165 5.31 0.27 -16.59
N ALA B 166 4.57 0.69 -15.57
CA ALA B 166 4.55 2.10 -15.17
C ALA B 166 4.60 2.12 -13.65
N PRO B 167 5.70 1.62 -13.06
CA PRO B 167 5.76 1.52 -11.60
C PRO B 167 5.85 2.87 -10.91
N GLY B 168 6.14 3.94 -11.65
CA GLY B 168 6.32 5.24 -11.06
C GLY B 168 7.70 5.41 -10.47
N ASN B 169 8.03 6.66 -10.16
CA ASN B 169 9.26 7.07 -9.50
C ASN B 169 10.50 6.77 -10.35
N VAL B 170 10.34 6.54 -11.66
CA VAL B 170 11.52 6.17 -12.44
C VAL B 170 12.45 7.36 -12.58
N GLY B 171 11.91 8.58 -12.55
CA GLY B 171 12.77 9.76 -12.52
C GLY B 171 13.69 9.79 -11.31
N LEU B 172 13.20 9.29 -10.17
CA LEU B 172 14.06 9.17 -8.99
C LEU B 172 15.09 8.07 -9.18
N LEU B 173 14.69 6.94 -9.76
CA LEU B 173 15.65 5.87 -10.04
C LEU B 173 16.72 6.31 -11.04
N ASP B 174 16.38 7.21 -11.97
CA ASP B 174 17.41 7.82 -12.80
C ASP B 174 18.46 8.50 -11.93
N GLN B 175 18.02 9.29 -10.94
CA GLN B 175 18.95 9.94 -10.05
C GLN B 175 19.75 8.93 -9.24
N ARG B 176 19.08 7.86 -8.78
CA ARG B 176 19.77 6.86 -7.98
C ARG B 176 20.87 6.18 -8.79
N LEU B 177 20.53 5.74 -10.01
CA LEU B 177 21.52 5.12 -10.90
C LEU B 177 22.71 6.05 -11.13
N ALA B 178 22.46 7.35 -11.28
CA ALA B 178 23.55 8.31 -11.40
C ALA B 178 24.41 8.32 -10.14
N LEU B 179 23.77 8.22 -8.98
CA LEU B 179 24.52 8.14 -7.73
C LEU B 179 25.33 6.84 -7.67
N GLN B 180 24.72 5.73 -8.10
CA GLN B 180 25.46 4.48 -8.22
C GLN B 180 26.65 4.64 -9.16
N TRP B 181 26.46 5.36 -10.27
CA TRP B 181 27.56 5.62 -11.20
C TRP B 181 28.68 6.39 -10.51
N VAL B 182 28.32 7.33 -9.63
CA VAL B 182 29.33 8.14 -8.97
C VAL B 182 30.18 7.30 -8.02
N GLN B 183 29.58 6.30 -7.37
CA GLN B 183 30.35 5.48 -6.45
C GLN B 183 31.32 4.57 -7.20
N GLU B 184 30.88 4.00 -8.32
CA GLU B 184 31.74 3.11 -9.09
C GLU B 184 32.82 3.83 -9.87
N ASN B 185 32.64 5.11 -10.22
CA ASN B 185 33.49 5.74 -11.22
C ASN B 185 34.11 7.06 -10.83
N VAL B 186 33.68 7.71 -9.75
CA VAL B 186 34.17 9.07 -9.50
C VAL B 186 35.64 9.07 -9.14
N ALA B 187 36.15 7.96 -8.57
CA ALA B 187 37.57 7.90 -8.24
C ALA B 187 38.44 8.06 -9.48
N ALA B 188 37.95 7.61 -10.64
CA ALA B 188 38.72 7.77 -11.87
C ALA B 188 38.97 9.22 -12.22
N PHE B 189 38.14 10.14 -11.74
CA PHE B 189 38.34 11.57 -11.95
C PHE B 189 39.06 12.22 -10.78
N GLY B 190 39.68 11.43 -9.92
CA GLY B 190 40.38 11.99 -8.77
C GLY B 190 39.44 12.33 -7.65
N GLY B 191 38.33 11.61 -7.54
CA GLY B 191 37.27 11.95 -6.62
C GLY B 191 37.06 10.93 -5.53
N ASP B 192 36.55 11.41 -4.39
CA ASP B 192 36.41 10.56 -3.21
C ASP B 192 34.97 10.04 -3.13
N PRO B 193 34.73 8.74 -3.35
CA PRO B 193 33.38 8.21 -3.17
C PRO B 193 32.96 8.04 -1.72
N THR B 194 33.83 8.32 -0.76
CA THR B 194 33.47 8.25 0.65
C THR B 194 33.08 9.60 1.22
N SER B 195 32.95 10.61 0.36
CA SER B 195 32.65 11.98 0.76
C SER B 195 31.85 12.62 -0.38
N VAL B 196 30.56 12.28 -0.43
CA VAL B 196 29.67 12.69 -1.52
C VAL B 196 28.48 13.43 -0.92
N THR B 197 28.34 14.69 -1.32
CA THR B 197 27.30 15.59 -0.81
C THR B 197 26.30 15.90 -1.91
N LEU B 198 25.05 15.47 -1.72
CA LEU B 198 23.95 15.86 -2.59
C LEU B 198 23.54 17.30 -2.30
N PHE B 199 23.37 18.12 -3.34
CA PHE B 199 22.72 19.40 -3.16
C PHE B 199 21.81 19.69 -4.34
N GLY B 200 20.60 20.19 -4.04
CA GLY B 200 19.60 20.44 -5.05
C GLY B 200 18.66 21.55 -4.60
N GLU B 201 17.86 22.03 -5.53
CA GLU B 201 17.01 23.19 -5.30
C GLU B 201 15.60 22.86 -5.74
N SER B 202 14.61 23.29 -4.96
CA SER B 202 13.21 23.06 -5.28
C SER B 202 12.96 21.56 -5.43
N ALA B 203 12.29 21.16 -6.50
CA ALA B 203 12.07 19.72 -6.70
C ALA B 203 13.36 18.93 -6.59
N GLY B 204 14.49 19.56 -6.93
CA GLY B 204 15.78 18.94 -6.65
C GLY B 204 16.02 18.75 -5.17
N ALA B 205 15.71 19.77 -4.36
CA ALA B 205 15.84 19.62 -2.91
C ALA B 205 14.90 18.55 -2.39
N ALA B 206 13.66 18.53 -2.88
CA ALA B 206 12.74 17.46 -2.52
C ALA B 206 13.30 16.10 -2.90
N SER B 207 13.93 15.99 -4.07
CA SER B 207 14.54 14.72 -4.47
C SER B 207 15.65 14.32 -3.49
N VAL B 208 16.54 15.27 -3.17
CA VAL B 208 17.57 15.02 -2.17
C VAL B 208 16.97 14.42 -0.91
N GLY B 209 15.87 15.00 -0.43
CA GLY B 209 15.25 14.50 0.80
C GLY B 209 14.72 13.10 0.64
N MET B 210 14.15 12.78 -0.52
CA MET B 210 13.64 11.42 -0.73
C MET B 210 14.77 10.41 -0.80
N HIS B 211 15.94 10.81 -1.32
CA HIS B 211 17.10 9.93 -1.22
C HIS B 211 17.54 9.74 0.23
N LEU B 212 17.34 10.77 1.06
CA LEU B 212 17.61 10.62 2.48
C LEU B 212 16.66 9.65 3.15
N LEU B 213 15.44 9.52 2.65
CA LEU B 213 14.44 8.67 3.26
C LEU B 213 14.34 7.29 2.62
N SER B 214 15.09 7.05 1.55
CA SER B 214 15.09 5.76 0.86
C SER B 214 16.38 5.04 1.19
N PRO B 215 16.33 3.90 1.87
CA PRO B 215 17.55 3.23 2.31
C PRO B 215 18.49 2.90 1.17
N PRO B 216 18.01 2.36 0.02
CA PRO B 216 18.97 2.07 -1.07
C PRO B 216 19.71 3.29 -1.57
N SER B 217 19.23 4.50 -1.30
CA SER B 217 19.96 5.69 -1.72
C SER B 217 20.87 6.24 -0.64
N ARG B 218 20.56 6.00 0.59
CA ARG B 218 21.31 6.56 1.67
C ARG B 218 22.76 6.14 1.65
N GLY B 219 23.04 4.91 1.31
CA GLY B 219 24.41 4.41 1.21
C GLY B 219 25.23 5.06 0.11
N LEU B 220 24.61 5.84 -0.77
CA LEU B 220 25.32 6.41 -1.91
C LEU B 220 25.87 7.81 -1.64
N PHE B 221 25.49 8.44 -0.53
CA PHE B 221 26.00 9.76 -0.22
C PHE B 221 26.12 9.91 1.29
N HIS B 222 26.70 11.03 1.72
CA HIS B 222 27.01 11.22 3.14
C HIS B 222 26.55 12.55 3.72
N ARG B 223 26.31 13.58 2.91
CA ARG B 223 25.73 14.82 3.39
C ARG B 223 24.73 15.31 2.36
N ALA B 224 23.84 16.19 2.81
CA ALA B 224 22.75 16.70 1.97
C ALA B 224 22.65 18.21 2.12
N VAL B 225 22.22 18.85 1.03
CA VAL B 225 21.88 20.27 1.01
C VAL B 225 20.52 20.40 0.34
N LEU B 226 19.56 21.00 1.04
CA LEU B 226 18.20 21.17 0.52
C LEU B 226 17.92 22.66 0.41
N GLN B 227 17.80 23.15 -0.81
CA GLN B 227 17.66 24.58 -1.09
C GLN B 227 16.23 24.86 -1.55
N SER B 228 15.46 25.57 -0.73
CA SER B 228 14.12 26.01 -1.11
C SER B 228 13.25 24.84 -1.54
N GLY B 229 13.30 23.75 -0.78
CA GLY B 229 12.44 22.61 -1.07
C GLY B 229 12.69 21.51 -0.06
N ALA B 230 11.73 20.60 0.01
CA ALA B 230 11.75 19.53 0.99
C ALA B 230 10.84 18.42 0.49
N PRO B 231 11.11 17.16 0.86
CA PRO B 231 10.25 16.05 0.41
C PRO B 231 8.88 16.04 1.03
N ASN B 232 8.67 16.72 2.16
CA ASN B 232 7.40 16.73 2.87
C ASN B 232 6.48 17.87 2.44
N GLY B 233 6.88 18.67 1.46
CA GLY B 233 6.01 19.69 0.92
C GLY B 233 4.74 19.12 0.32
N PRO B 234 3.61 19.84 0.48
CA PRO B 234 2.31 19.32 0.01
C PRO B 234 2.23 19.08 -1.48
N TRP B 235 3.33 19.29 -2.20
CA TRP B 235 3.39 19.16 -3.64
C TRP B 235 4.35 18.08 -4.13
N ALA B 236 5.23 17.56 -3.25
CA ALA B 236 6.34 16.74 -3.69
C ALA B 236 5.95 15.29 -3.91
N THR B 237 4.82 14.85 -3.38
CA THR B 237 4.39 13.46 -3.52
C THR B 237 2.89 13.40 -3.75
N VAL B 238 2.43 12.24 -4.24
CA VAL B 238 1.03 11.90 -4.33
C VAL B 238 0.82 10.49 -3.79
N GLY B 239 -0.42 10.25 -3.37
CA GLY B 239 -0.81 8.90 -3.01
C GLY B 239 -0.97 8.02 -4.24
N MET B 240 -0.99 6.71 -4.00
CA MET B 240 -1.13 5.73 -5.07
C MET B 240 -2.42 5.95 -5.84
N GLY B 241 -3.52 6.18 -5.12
CA GLY B 241 -4.81 6.40 -5.74
C GLY B 241 -4.82 7.64 -6.61
N GLU B 242 -4.26 8.72 -6.10
CA GLU B 242 -4.21 9.99 -6.83
C GLU B 242 -3.36 9.85 -8.09
N ALA B 243 -2.21 9.21 -7.96
CA ALA B 243 -1.31 9.01 -9.08
C ALA B 243 -1.96 8.18 -10.17
N ARG B 244 -2.70 7.15 -9.77
CA ARG B 244 -3.38 6.27 -10.72
C ARG B 244 -4.47 7.02 -11.47
N ARG B 245 -5.19 7.88 -10.76
CA ARG B 245 -6.27 8.66 -11.36
C ARG B 245 -5.72 9.69 -12.35
N ARG B 246 -4.46 10.08 -12.16
CA ARG B 246 -3.82 11.05 -13.03
C ARG B 246 -3.14 10.37 -14.21
N ALA B 247 -2.83 9.09 -14.05
CA ALA B 247 -2.17 8.32 -15.09
C ALA B 247 -3.16 7.90 -16.18
N THR B 248 -4.37 7.51 -15.76
CA THR B 248 -5.41 7.09 -16.69
C THR B 248 -6.14 8.28 -17.29
N GLN B 249 -6.32 9.36 -16.51
CA GLN B 249 -6.88 10.57 -17.08
C GLN B 249 -6.00 11.11 -18.21
N LEU B 250 -4.68 11.06 -18.03
CA LEU B 250 -3.78 11.44 -19.10
C LEU B 250 -3.96 10.53 -20.30
N ALA B 251 -4.10 9.22 -20.06
CA ALA B 251 -4.30 8.26 -21.14
C ALA B 251 -5.59 8.56 -21.89
N HIS B 252 -6.65 8.98 -21.18
CA HIS B 252 -7.94 9.18 -21.82
C HIS B 252 -7.92 10.41 -22.73
N LEU B 253 -7.38 11.54 -22.24
CA LEU B 253 -7.25 12.72 -23.10
C LEU B 253 -6.30 12.47 -24.26
N VAL B 254 -5.46 11.44 -24.15
CA VAL B 254 -4.53 11.09 -25.20
C VAL B 254 -5.16 10.09 -26.19
N GLY B 255 -6.09 9.25 -25.71
CA GLY B 255 -6.83 8.34 -26.57
C GLY B 255 -6.68 6.89 -26.16
N CYS B 256 -6.17 6.67 -24.95
CA CYS B 256 -5.88 5.34 -24.43
C CYS B 256 -6.82 5.00 -23.28
N PRO B 257 -7.55 3.88 -23.35
CA PRO B 257 -7.56 2.96 -24.49
C PRO B 257 -8.58 3.39 -25.53
N PRO B 258 -8.44 2.93 -26.79
CA PRO B 258 -9.40 3.27 -27.83
C PRO B 258 -10.77 2.63 -27.59
N GLY B 263 -8.66 -0.81 -17.95
CA GLY B 263 -8.64 -2.20 -18.33
C GLY B 263 -7.34 -2.82 -17.89
N ASN B 264 -6.58 -3.37 -18.83
CA ASN B 264 -5.31 -3.98 -18.49
C ASN B 264 -4.32 -2.87 -18.39
N ASP B 265 -3.53 -2.86 -17.35
CA ASP B 265 -2.53 -1.83 -17.20
C ASP B 265 -1.52 -1.92 -18.32
N THR B 266 -1.18 -3.13 -18.77
CA THR B 266 -0.20 -3.25 -19.84
C THR B 266 -0.74 -2.72 -21.17
N GLU B 267 -2.01 -2.99 -21.47
CA GLU B 267 -2.57 -2.43 -22.69
C GLU B 267 -2.69 -0.92 -22.60
N LEU B 268 -2.95 -0.40 -21.40
CA LEU B 268 -3.07 1.05 -21.22
C LEU B 268 -1.77 1.77 -21.55
N VAL B 269 -0.67 1.31 -20.95
CA VAL B 269 0.59 2.03 -21.13
C VAL B 269 1.17 1.73 -22.50
N ALA B 270 0.97 0.51 -23.01
CA ALA B 270 1.42 0.20 -24.36
C ALA B 270 0.82 1.15 -25.38
N CYS B 271 -0.45 1.53 -25.19
CA CYS B 271 -1.03 2.56 -26.04
C CYS B 271 -0.37 3.90 -25.81
N LEU B 272 -0.04 4.21 -24.55
CA LEU B 272 0.65 5.46 -24.24
C LEU B 272 2.01 5.54 -24.91
N ARG B 273 2.70 4.41 -25.06
CA ARG B 273 4.02 4.40 -25.67
C ARG B 273 3.96 4.73 -27.16
N THR B 274 2.86 4.43 -27.83
CA THR B 274 2.71 4.76 -29.23
C THR B 274 2.45 6.24 -29.46
N ARG B 275 2.35 7.02 -28.39
CA ARG B 275 2.06 8.43 -28.60
C ARG B 275 3.35 9.25 -28.62
N PRO B 276 3.45 10.20 -29.55
CA PRO B 276 4.65 11.04 -29.58
C PRO B 276 4.81 11.83 -28.28
N ALA B 277 6.08 12.11 -27.95
CA ALA B 277 6.39 12.70 -26.65
C ALA B 277 5.70 14.05 -26.47
N GLN B 278 5.73 14.91 -27.50
CA GLN B 278 5.08 16.22 -27.39
C GLN B 278 3.62 16.08 -26.97
N VAL B 279 2.95 15.03 -27.45
CA VAL B 279 1.52 14.89 -27.22
C VAL B 279 1.23 14.63 -25.74
N LEU B 280 2.07 13.85 -25.09
CA LEU B 280 1.93 13.68 -23.64
C LEU B 280 2.17 14.99 -22.92
N VAL B 281 3.20 15.73 -23.33
CA VAL B 281 3.51 17.01 -22.68
C VAL B 281 2.35 17.98 -22.80
N ASN B 282 1.70 18.01 -23.98
CA ASN B 282 0.65 19.01 -24.21
C ASN B 282 -0.60 18.75 -23.39
N HIS B 283 -0.83 17.51 -22.96
CA HIS B 283 -1.99 17.21 -22.13
C HIS B 283 -1.62 16.95 -20.68
N GLU B 284 -0.33 16.87 -20.40
CA GLU B 284 0.18 16.58 -19.05
C GLU B 284 -0.66 17.08 -17.87
N TRP B 285 -0.98 18.36 -17.88
CA TRP B 285 -1.62 19.45 -17.11
CA TRP B 285 -1.64 19.41 -17.08
C TRP B 285 -3.18 19.48 -16.74
N HIS B 286 -3.77 19.32 -17.95
CA HIS B 286 -5.23 19.13 -17.93
C HIS B 286 -5.61 17.94 -17.05
N VAL B 287 -4.66 17.46 -16.26
CA VAL B 287 -4.90 16.32 -15.38
C VAL B 287 -5.18 16.79 -13.95
N LEU B 288 -4.57 17.90 -13.55
CA LEU B 288 -4.66 18.35 -12.17
C LEU B 288 -6.11 18.59 -11.77
N PRO B 289 -6.52 18.18 -10.56
CA PRO B 289 -7.93 18.35 -10.15
C PRO B 289 -8.34 19.81 -10.00
N GLN B 290 -7.40 20.74 -10.11
CA GLN B 290 -7.77 22.15 -9.97
C GLN B 290 -6.68 23.09 -10.45
N GLU B 291 -7.09 24.09 -11.23
CA GLU B 291 -6.19 25.03 -11.73
C GLU B 291 -5.65 25.58 -10.46
N SER B 292 -4.35 25.48 -10.31
CA SER B 292 -3.71 26.07 -9.15
C SER B 292 -2.32 26.62 -9.46
N VAL B 293 -1.68 27.13 -8.40
CA VAL B 293 -0.24 27.36 -8.39
C VAL B 293 0.38 26.34 -7.44
N PHE B 294 1.60 25.99 -7.71
CA PHE B 294 2.31 25.06 -6.90
C PHE B 294 1.76 23.65 -6.84
N ARG B 295 1.13 23.22 -7.90
CA ARG B 295 0.74 21.82 -8.03
C ARG B 295 1.11 21.32 -9.41
N PHE B 296 1.60 20.08 -9.46
CA PHE B 296 2.28 19.46 -10.59
C PHE B 296 1.73 18.06 -10.80
N SER B 297 1.41 17.73 -12.05
CA SER B 297 0.62 16.54 -12.34
C SER B 297 1.35 15.25 -11.97
N PHE B 298 2.63 15.14 -12.28
CA PHE B 298 3.35 13.89 -12.10
C PHE B 298 4.57 14.14 -11.23
N VAL B 299 4.51 13.62 -10.02
CA VAL B 299 5.50 13.87 -8.98
C VAL B 299 5.79 12.51 -8.36
N PRO B 300 6.79 12.36 -7.49
CA PRO B 300 7.00 11.06 -6.85
C PRO B 300 5.75 10.55 -6.14
N VAL B 301 5.57 9.24 -6.18
CA VAL B 301 4.39 8.58 -5.63
C VAL B 301 4.79 7.83 -4.37
N VAL B 302 3.98 7.94 -3.33
CA VAL B 302 4.19 7.16 -2.10
C VAL B 302 3.67 5.76 -2.38
N ASP B 303 4.59 4.86 -2.77
CA ASP B 303 4.24 3.57 -3.34
C ASP B 303 4.49 2.39 -2.42
N GLY B 304 5.30 2.62 -1.41
CA GLY B 304 5.69 1.58 -0.51
C GLY B 304 7.00 1.01 -0.96
N ASP B 305 7.51 1.46 -2.09
CA ASP B 305 8.77 0.95 -2.57
C ASP B 305 9.89 1.93 -2.40
N PHE B 306 9.95 2.93 -3.25
CA PHE B 306 11.01 3.91 -3.14
C PHE B 306 10.83 4.57 -1.81
N LEU B 307 9.59 4.88 -1.49
CA LEU B 307 9.26 5.48 -0.23
C LEU B 307 8.37 4.47 0.44
N SER B 308 8.80 3.94 1.55
CA SER B 308 8.03 2.92 2.25
C SER B 308 6.77 3.51 2.88
N ASP B 309 6.84 4.76 3.31
CA ASP B 309 5.70 5.49 3.83
C ASP B 309 5.76 6.92 3.29
N THR B 310 4.85 7.78 3.76
CA THR B 310 4.92 9.17 3.40
C THR B 310 6.20 9.78 3.94
N PRO B 311 6.72 10.82 3.28
CA PRO B 311 7.97 11.45 3.76
C PRO B 311 7.88 11.96 5.20
N GLU B 312 6.72 12.44 5.64
CA GLU B 312 6.58 12.87 7.03
C GLU B 312 6.68 11.73 8.00
N ALA B 313 5.96 10.66 7.75
CA ALA B 313 6.11 9.46 8.56
C ALA B 313 7.57 9.00 8.62
N LEU B 314 8.27 9.05 7.49
CA LEU B 314 9.67 8.64 7.47
C LEU B 314 10.56 9.66 8.19
N ILE B 315 10.30 10.96 7.96
CA ILE B 315 11.06 11.98 8.69
C ILE B 315 10.90 11.80 10.18
N ASN B 316 9.67 11.56 10.64
CA ASN B 316 9.39 11.46 12.06
C ASN B 316 9.98 10.20 12.67
N ALA B 317 10.02 9.11 11.91
CA ALA B 317 10.49 7.84 12.44
C ALA B 317 11.99 7.63 12.24
N GLY B 318 12.67 8.54 11.55
CA GLY B 318 14.04 8.27 11.15
C GLY B 318 15.04 8.58 12.24
N ASP B 319 16.13 7.82 12.22
CA ASP B 319 17.31 8.09 13.03
C ASP B 319 18.38 8.68 12.12
N PHE B 320 18.83 9.89 12.44
CA PHE B 320 19.69 10.65 11.54
C PHE B 320 21.04 10.97 12.17
N HIS B 321 21.51 10.11 13.07
CA HIS B 321 22.84 10.29 13.64
C HIS B 321 23.91 10.00 12.59
N GLY B 322 24.95 10.83 12.59
CA GLY B 322 26.00 10.74 11.60
C GLY B 322 25.74 11.47 10.30
N LEU B 323 24.66 12.24 10.22
CA LEU B 323 24.27 12.94 9.00
C LEU B 323 24.33 14.45 9.23
N GLN B 324 24.76 15.16 8.20
CA GLN B 324 24.86 16.61 8.22
C GLN B 324 24.07 17.19 7.05
N VAL B 325 23.29 18.22 7.35
CA VAL B 325 22.35 18.77 6.41
C VAL B 325 22.49 20.28 6.41
N LEU B 326 22.38 20.89 5.23
CA LEU B 326 22.36 22.33 5.07
C LEU B 326 21.05 22.65 4.34
N VAL B 327 20.21 23.47 4.97
CA VAL B 327 18.90 23.80 4.44
C VAL B 327 18.74 25.31 4.42
N GLY B 328 17.81 25.78 3.60
CA GLY B 328 17.56 27.21 3.55
C GLY B 328 16.53 27.54 2.50
N VAL B 329 16.16 28.82 2.48
CA VAL B 329 15.16 29.36 1.56
C VAL B 329 15.63 30.75 1.14
N VAL B 330 14.96 31.30 0.13
CA VAL B 330 15.17 32.70 -0.22
C VAL B 330 14.25 33.55 0.65
N LYS B 331 14.41 34.87 0.58
CA LYS B 331 13.65 35.75 1.45
C LYS B 331 12.18 35.78 1.06
N ASP B 332 11.89 35.74 -0.24
CA ASP B 332 10.54 35.86 -0.77
C ASP B 332 10.23 34.62 -1.61
N GLU B 333 10.08 33.48 -0.93
CA GLU B 333 9.78 32.23 -1.62
C GLU B 333 8.52 32.31 -2.47
N GLY B 334 7.60 33.21 -2.13
CA GLY B 334 6.27 33.18 -2.69
C GLY B 334 6.00 33.94 -3.96
N SER B 335 6.68 35.08 -4.16
CA SER B 335 6.27 36.02 -5.20
C SER B 335 6.38 35.43 -6.61
N TYR B 336 7.37 34.56 -6.83
CA TYR B 336 7.60 34.03 -8.19
C TYR B 336 6.37 33.30 -8.72
N PHE B 337 5.65 32.59 -7.85
CA PHE B 337 4.56 31.74 -8.31
C PHE B 337 3.25 32.49 -8.49
N LEU B 338 3.11 33.70 -7.94
CA LEU B 338 1.85 34.40 -8.07
C LEU B 338 1.67 35.00 -9.46
N VAL B 339 2.73 35.32 -10.16
CA VAL B 339 2.57 35.87 -11.47
C VAL B 339 2.11 34.82 -12.44
N TYR B 340 2.12 33.59 -12.02
CA TYR B 340 1.72 32.50 -12.89
C TYR B 340 0.29 32.03 -12.70
N GLY B 341 -0.64 32.95 -12.45
CA GLY B 341 -2.02 32.55 -12.30
C GLY B 341 -2.88 33.02 -11.17
N ALA B 342 -2.32 33.71 -10.19
CA ALA B 342 -3.13 34.24 -9.13
C ALA B 342 -3.79 35.48 -9.67
N PRO B 343 -5.11 35.70 -9.28
CA PRO B 343 -5.70 36.92 -9.81
C PRO B 343 -5.08 38.22 -9.36
N GLY B 344 -4.91 39.13 -10.29
CA GLY B 344 -4.33 40.42 -10.05
C GLY B 344 -2.83 40.55 -10.04
N PHE B 345 -2.11 39.57 -10.50
CA PHE B 345 -0.69 39.66 -10.43
C PHE B 345 0.04 39.70 -11.71
N SER B 346 0.99 40.59 -11.88
CA SER B 346 1.80 40.44 -13.08
C SER B 346 3.21 40.87 -12.72
N LYS B 347 4.17 40.46 -13.54
CA LYS B 347 5.51 41.00 -13.36
C LYS B 347 5.61 42.43 -13.84
N ASP B 348 4.61 42.93 -14.57
CA ASP B 348 4.70 44.21 -15.25
C ASP B 348 3.85 45.30 -14.61
N ASN B 349 3.27 45.05 -13.43
CA ASN B 349 2.69 46.11 -12.61
C ASN B 349 2.95 45.78 -11.15
N GLU B 350 2.45 46.64 -10.25
CA GLU B 350 2.75 46.48 -8.83
C GLU B 350 2.00 45.32 -8.19
N SER B 351 1.00 44.75 -8.88
CA SER B 351 0.24 43.62 -8.35
C SER B 351 -0.43 43.95 -7.02
N LEU B 352 -0.94 45.17 -6.92
CA LEU B 352 -1.66 45.60 -5.72
C LEU B 352 -3.09 45.05 -5.80
N ILE B 353 -3.32 43.91 -5.17
CA ILE B 353 -4.57 43.18 -5.33
C ILE B 353 -5.62 43.70 -4.36
N SER B 354 -6.88 43.44 -4.69
CA SER B 354 -7.99 43.73 -3.80
C SER B 354 -8.16 42.60 -2.78
N ARG B 355 -9.05 42.81 -1.83
CA ARG B 355 -9.32 41.77 -0.87
C ARG B 355 -9.98 40.61 -1.53
N ALA B 356 -10.90 40.87 -2.41
CA ALA B 356 -11.56 39.77 -3.13
C ALA B 356 -10.54 38.95 -3.91
N GLU B 357 -9.54 39.61 -4.49
CA GLU B 357 -8.51 38.88 -5.21
C GLU B 357 -7.61 38.11 -4.25
N PHE B 358 -7.36 38.66 -3.06
CA PHE B 358 -6.60 37.93 -2.06
C PHE B 358 -7.31 36.65 -1.64
N LEU B 359 -8.60 36.76 -1.33
CA LEU B 359 -9.36 35.59 -0.92
C LEU B 359 -9.43 34.55 -2.04
N ALA B 360 -9.52 35.02 -3.28
CA ALA B 360 -9.49 34.08 -4.41
C ALA B 360 -8.10 33.48 -4.59
N GLY B 361 -7.05 34.30 -4.43
CA GLY B 361 -5.69 33.77 -4.52
C GLY B 361 -5.35 32.75 -3.46
N VAL B 362 -6.00 32.82 -2.30
CA VAL B 362 -5.71 31.87 -1.23
C VAL B 362 -6.12 30.46 -1.65
N ARG B 363 -7.24 30.32 -2.35
CA ARG B 363 -7.69 29.00 -2.78
C ARG B 363 -6.91 28.48 -3.97
N VAL B 364 -6.31 29.36 -4.76
CA VAL B 364 -5.38 28.91 -5.79
C VAL B 364 -4.06 28.47 -5.16
N GLY B 365 -3.61 29.17 -4.12
CA GLY B 365 -2.33 28.86 -3.51
C GLY B 365 -2.40 27.74 -2.49
N VAL B 366 -3.55 27.54 -1.87
CA VAL B 366 -3.75 26.41 -0.97
C VAL B 366 -4.88 25.56 -1.56
N PRO B 367 -4.63 24.80 -2.62
CA PRO B 367 -5.70 24.07 -3.28
C PRO B 367 -6.07 22.79 -2.53
N GLN B 368 -7.27 22.30 -2.79
CA GLN B 368 -7.76 21.05 -2.21
C GLN B 368 -7.96 21.01 -0.70
N VAL B 369 -8.36 22.13 -0.11
CA VAL B 369 -8.61 22.15 1.33
C VAL B 369 -10.05 22.56 1.57
N SER B 370 -10.56 22.18 2.74
CA SER B 370 -11.93 22.50 3.09
C SER B 370 -12.12 24.02 3.21
N ASP B 371 -13.39 24.44 3.14
CA ASP B 371 -13.70 25.86 3.29
C ASP B 371 -13.27 26.36 4.66
N LEU B 372 -13.39 25.52 5.70
CA LEU B 372 -12.95 25.89 7.04
C LEU B 372 -11.44 26.11 7.05
N ALA B 373 -10.70 25.27 6.34
CA ALA B 373 -9.25 25.42 6.26
C ALA B 373 -8.87 26.72 5.58
N ALA B 374 -9.56 27.08 4.50
CA ALA B 374 -9.25 28.33 3.80
C ALA B 374 -9.42 29.53 4.72
N GLU B 375 -10.48 29.55 5.53
CA GLU B 375 -10.71 30.71 6.39
C GLU B 375 -9.70 30.80 7.52
N ALA B 376 -9.24 29.65 8.03
CA ALA B 376 -8.11 29.68 8.96
C ALA B 376 -6.89 30.34 8.32
N VAL B 377 -6.67 30.11 7.02
CA VAL B 377 -5.57 30.78 6.33
C VAL B 377 -5.82 32.27 6.27
N VAL B 378 -7.06 32.67 5.97
CA VAL B 378 -7.40 34.08 5.89
C VAL B 378 -7.28 34.74 7.26
N LEU B 379 -7.64 34.02 8.33
CA LEU B 379 -7.57 34.60 9.67
C LEU B 379 -6.14 34.95 10.05
N HIS B 380 -5.21 34.01 9.83
N HIS B 380 -5.21 34.02 9.85
CA HIS B 380 -3.84 34.15 10.30
CA HIS B 380 -3.85 34.24 10.33
C HIS B 380 -3.03 35.11 9.44
C HIS B 380 -3.13 35.28 9.48
N TYR B 381 -3.41 35.31 8.18
CA TYR B 381 -2.66 36.18 7.28
C TYR B 381 -3.32 37.52 7.02
N THR B 382 -4.53 37.74 7.51
CA THR B 382 -5.11 39.08 7.47
C THR B 382 -4.62 39.90 8.66
N ASP B 383 -4.21 41.13 8.39
CA ASP B 383 -4.02 42.12 9.44
C ASP B 383 -5.36 42.82 9.64
N TRP B 384 -6.01 42.56 10.77
CA TRP B 384 -7.38 43.02 10.96
C TRP B 384 -7.47 44.49 11.32
N LEU B 385 -6.34 45.18 11.47
CA LEU B 385 -6.31 46.64 11.53
C LEU B 385 -6.22 47.29 10.16
N HIS B 386 -5.70 46.56 9.16
CA HIS B 386 -5.66 47.02 7.77
C HIS B 386 -6.09 45.89 6.87
N PRO B 387 -7.35 45.48 6.97
CA PRO B 387 -7.78 44.24 6.28
C PRO B 387 -7.83 44.35 4.76
N GLU B 388 -7.75 45.57 4.21
CA GLU B 388 -7.93 45.75 2.77
C GLU B 388 -6.80 46.54 2.12
N ASP B 389 -5.69 46.76 2.81
CA ASP B 389 -4.54 47.44 2.21
C ASP B 389 -3.97 46.57 1.08
N PRO B 390 -4.00 47.04 -0.18
CA PRO B 390 -3.52 46.18 -1.27
C PRO B 390 -2.08 45.74 -1.12
N ALA B 391 -1.18 46.62 -0.68
CA ALA B 391 0.21 46.23 -0.56
C ALA B 391 0.39 45.13 0.47
N ARG B 392 -0.32 45.23 1.60
CA ARG B 392 -0.25 44.20 2.63
C ARG B 392 -0.86 42.89 2.13
N LEU B 393 -1.94 42.97 1.35
CA LEU B 393 -2.56 41.77 0.82
C LEU B 393 -1.63 41.04 -0.14
N ARG B 394 -0.91 41.79 -0.98
CA ARG B 394 0.04 41.17 -1.90
C ARG B 394 1.13 40.42 -1.14
N GLU B 395 1.78 41.10 -0.19
CA GLU B 395 2.82 40.46 0.61
C GLU B 395 2.25 39.28 1.38
N ALA B 396 1.01 39.38 1.83
CA ALA B 396 0.42 38.31 2.63
C ALA B 396 0.17 37.07 1.78
N LEU B 397 -0.39 37.26 0.57
CA LEU B 397 -0.57 36.12 -0.32
C LEU B 397 0.76 35.47 -0.66
N SER B 398 1.78 36.29 -0.95
CA SER B 398 3.11 35.76 -1.19
C SER B 398 3.60 34.93 0.00
N ASP B 399 3.34 35.40 1.21
CA ASP B 399 3.71 34.63 2.40
C ASP B 399 2.91 33.34 2.48
N VAL B 400 1.60 33.40 2.20
CA VAL B 400 0.75 32.22 2.26
C VAL B 400 1.35 31.09 1.43
N VAL B 401 1.48 31.29 0.12
CA VAL B 401 1.89 30.17 -0.71
C VAL B 401 3.38 29.88 -0.53
N GLY B 402 4.16 30.90 -0.17
CA GLY B 402 5.56 30.67 0.18
C GLY B 402 5.74 29.85 1.45
N ASP B 403 4.97 30.18 2.51
CA ASP B 403 5.08 29.42 3.76
C ASP B 403 4.55 28.01 3.61
N HIS B 404 3.42 27.85 2.99
CA HIS B 404 2.83 26.55 2.84
C HIS B 404 3.63 25.60 1.99
N ASN B 405 4.09 26.08 0.88
CA ASN B 405 4.85 25.28 -0.04
C ASN B 405 6.31 25.03 0.23
N VAL B 406 7.02 26.04 0.70
CA VAL B 406 8.43 25.90 0.93
C VAL B 406 8.95 26.08 2.31
N VAL B 407 8.74 27.25 2.88
CA VAL B 407 9.30 27.53 4.17
C VAL B 407 8.87 26.66 5.29
N CYS B 408 7.59 26.43 5.42
CA CYS B 408 7.12 25.59 6.48
C CYS B 408 7.51 24.12 6.35
N PRO B 409 7.44 23.53 5.17
CA PRO B 409 7.97 22.17 4.96
C PRO B 409 9.46 22.05 5.28
N VAL B 410 10.28 22.99 4.80
CA VAL B 410 11.70 22.99 5.12
C VAL B 410 11.92 23.11 6.62
N ALA B 411 11.17 23.99 7.29
CA ALA B 411 11.34 24.18 8.73
C ALA B 411 10.97 22.92 9.50
N GLN B 412 9.93 22.27 9.09
CA GLN B 412 9.54 21.07 9.74
C GLN B 412 10.59 20.01 9.59
N LEU B 413 11.15 19.88 8.42
CA LEU B 413 12.23 18.92 8.17
C LEU B 413 13.45 19.23 9.03
N ALA B 414 13.91 20.48 8.99
CA ALA B 414 15.10 20.85 9.74
C ALA B 414 14.95 20.55 11.23
N GLY B 415 13.75 20.75 11.79
CA GLY B 415 13.57 20.54 13.22
C GLY B 415 13.58 19.08 13.60
N ARG B 416 12.89 18.23 12.84
CA ARG B 416 12.90 16.81 13.13
C ARG B 416 14.30 16.22 12.96
N LEU B 417 15.03 16.66 11.93
CA LEU B 417 16.39 16.14 11.72
C LEU B 417 17.30 16.54 12.88
N ALA B 418 17.21 17.78 13.33
CA ALA B 418 18.08 18.25 14.41
C ALA B 418 17.79 17.50 15.70
N ALA B 419 16.51 17.26 15.99
CA ALA B 419 16.14 16.59 17.23
C ALA B 419 16.45 15.10 17.21
N GLN B 420 16.66 14.52 16.03
CA GLN B 420 16.81 13.07 15.91
C GLN B 420 18.21 12.66 15.45
N GLY B 421 19.21 13.50 15.71
CA GLY B 421 20.59 13.07 15.62
C GLY B 421 21.40 13.67 14.50
N ALA B 422 20.80 14.44 13.61
CA ALA B 422 21.55 15.11 12.56
C ALA B 422 21.91 16.52 13.02
N ARG B 423 23.08 17.01 12.58
CA ARG B 423 23.44 18.41 12.75
C ARG B 423 22.97 19.19 11.56
N VAL B 424 22.09 20.14 11.82
CA VAL B 424 21.45 20.92 10.78
C VAL B 424 22.04 22.32 10.79
N TYR B 425 22.00 22.95 9.63
CA TYR B 425 22.51 24.30 9.43
C TYR B 425 21.56 25.01 8.49
N ALA B 426 21.06 26.17 8.89
CA ALA B 426 19.98 26.80 8.14
C ALA B 426 20.36 28.22 7.75
N TYR B 427 19.82 28.65 6.62
CA TYR B 427 20.10 29.98 6.07
C TYR B 427 18.81 30.57 5.52
N VAL B 428 18.82 31.90 5.38
CA VAL B 428 17.86 32.60 4.54
C VAL B 428 18.66 33.48 3.59
N PHE B 429 18.48 33.25 2.29
CA PHE B 429 19.20 34.00 1.28
C PHE B 429 18.39 35.25 0.95
N GLU B 430 18.97 36.39 1.29
CA GLU B 430 18.34 37.70 1.13
C GLU B 430 18.98 38.76 0.29
N HIS B 431 19.83 38.40 -0.65
CA HIS B 431 20.43 39.39 -1.50
C HIS B 431 19.69 39.40 -2.79
N ARG B 432 19.35 40.57 -3.28
CA ARG B 432 18.66 40.65 -4.53
C ARG B 432 19.68 41.03 -5.54
N ALA B 433 19.85 40.19 -6.53
CA ALA B 433 20.86 40.41 -7.51
C ALA B 433 20.71 41.68 -8.27
N SER B 434 21.81 42.31 -8.55
CA SER B 434 21.74 43.55 -9.31
C SER B 434 21.18 43.32 -10.71
N THR B 435 21.37 42.12 -11.26
CA THR B 435 20.96 41.80 -12.62
C THR B 435 19.56 41.18 -12.69
N LEU B 436 18.82 41.18 -11.58
CA LEU B 436 17.51 40.55 -11.56
C LEU B 436 16.56 41.26 -12.52
N SER B 437 15.89 40.50 -13.37
CA SER B 437 14.96 41.07 -14.34
C SER B 437 13.53 41.14 -13.83
N TRP B 438 13.22 40.43 -12.75
CA TRP B 438 11.89 40.48 -12.16
C TRP B 438 11.65 41.82 -11.48
N PRO B 439 10.39 42.22 -11.32
CA PRO B 439 10.10 43.52 -10.69
C PRO B 439 10.55 43.55 -9.23
N LEU B 440 10.68 44.77 -8.72
CA LEU B 440 11.22 44.95 -7.37
C LEU B 440 10.31 44.35 -6.31
N TRP B 441 8.99 44.44 -6.51
CA TRP B 441 8.07 43.98 -5.46
C TRP B 441 8.22 42.48 -5.18
N MET B 442 8.74 41.70 -6.12
CA MET B 442 8.96 40.28 -5.89
C MET B 442 10.11 40.01 -4.92
N GLY B 443 10.95 40.99 -4.64
CA GLY B 443 11.98 40.82 -3.62
C GLY B 443 13.08 39.89 -4.09
N VAL B 444 13.38 38.90 -3.26
CA VAL B 444 14.38 37.88 -3.60
C VAL B 444 13.63 36.61 -3.98
N PRO B 445 13.36 36.38 -5.27
CA PRO B 445 12.42 35.32 -5.66
C PRO B 445 13.02 33.94 -5.54
N HIS B 446 12.14 32.95 -5.66
CA HIS B 446 12.52 31.55 -5.63
C HIS B 446 13.55 31.25 -6.71
N GLY B 447 14.65 30.61 -6.32
CA GLY B 447 15.63 30.14 -7.28
C GLY B 447 16.80 31.06 -7.55
N TYR B 448 16.80 32.29 -7.02
CA TYR B 448 17.79 33.28 -7.42
C TYR B 448 18.98 33.37 -6.48
N GLU B 449 19.15 32.37 -5.62
CA GLU B 449 20.41 32.17 -4.94
C GLU B 449 21.31 31.17 -5.68
N ILE B 450 20.75 30.42 -6.63
CA ILE B 450 21.51 29.36 -7.30
C ILE B 450 22.72 29.94 -8.00
N GLU B 451 22.53 31.01 -8.77
CA GLU B 451 23.61 31.61 -9.55
C GLU B 451 24.77 32.06 -8.67
N PHE B 452 24.52 32.34 -7.38
CA PHE B 452 25.61 32.72 -6.49
C PHE B 452 26.32 31.51 -5.91
N ILE B 453 25.60 30.41 -5.66
CA ILE B 453 26.25 29.19 -5.19
C ILE B 453 27.15 28.60 -6.25
N PHE B 454 26.76 28.70 -7.52
CA PHE B 454 27.58 28.18 -8.61
C PHE B 454 28.63 29.18 -9.08
N GLY B 455 28.71 30.36 -8.48
CA GLY B 455 29.75 31.31 -8.82
C GLY B 455 29.58 31.99 -10.17
N ILE B 456 28.38 31.98 -10.73
CA ILE B 456 28.08 32.61 -12.01
C ILE B 456 28.54 34.06 -12.09
N PRO B 457 28.49 34.87 -11.02
CA PRO B 457 29.01 36.24 -11.14
C PRO B 457 30.47 36.35 -11.53
N LEU B 458 31.28 35.29 -11.40
CA LEU B 458 32.66 35.35 -11.84
C LEU B 458 32.80 35.27 -13.36
N ASP B 459 31.75 34.90 -14.07
CA ASP B 459 31.78 34.85 -15.52
C ASP B 459 32.04 36.24 -16.08
N PRO B 460 33.15 36.48 -16.79
CA PRO B 460 33.43 37.82 -17.30
C PRO B 460 32.38 38.32 -18.28
N SER B 461 31.55 37.43 -18.82
CA SER B 461 30.54 37.83 -19.78
C SER B 461 29.40 38.61 -19.14
N ARG B 462 29.26 38.41 -17.85
CA ARG B 462 28.21 38.99 -17.06
C ARG B 462 28.54 40.29 -16.40
N ASN B 463 27.50 40.95 -15.92
CA ASN B 463 27.62 42.26 -15.34
C ASN B 463 27.38 42.45 -13.86
N TYR B 464 27.72 41.49 -13.04
CA TYR B 464 27.56 41.63 -11.61
C TYR B 464 28.58 42.61 -11.04
N THR B 465 28.30 43.20 -9.89
CA THR B 465 29.22 44.13 -9.22
C THR B 465 30.37 43.37 -8.59
N ALA B 466 31.46 44.10 -8.32
CA ALA B 466 32.61 43.49 -7.67
C ALA B 466 32.22 42.90 -6.33
N GLU B 467 31.27 43.54 -5.65
CA GLU B 467 30.78 43.06 -4.37
C GLU B 467 30.04 41.76 -4.46
N GLU B 468 29.19 41.64 -5.44
CA GLU B 468 28.48 40.39 -5.69
C GLU B 468 29.45 39.25 -6.01
N LYS B 469 30.60 39.58 -6.59
CA LYS B 469 31.58 38.53 -6.90
C LYS B 469 32.23 37.97 -5.64
N ILE B 470 32.47 38.83 -4.68
CA ILE B 470 33.04 38.42 -3.43
C ILE B 470 32.02 37.64 -2.67
N PHE B 471 30.77 38.02 -2.81
CA PHE B 471 29.68 37.33 -2.12
C PHE B 471 29.52 35.90 -2.65
N ALA B 472 29.61 35.73 -3.97
CA ALA B 472 29.59 34.38 -4.54
C ALA B 472 30.79 33.57 -4.05
N GLN B 473 31.96 34.19 -3.97
CA GLN B 473 33.13 33.46 -3.50
C GLN B 473 32.95 33.03 -2.05
N ARG B 474 32.29 33.86 -1.25
CA ARG B 474 32.01 33.46 0.14
C ARG B 474 31.01 32.32 0.19
N LEU B 475 29.95 32.39 -0.63
CA LEU B 475 28.94 31.34 -0.61
C LEU B 475 29.48 30.04 -1.18
N MET B 476 30.34 30.12 -2.21
CA MET B 476 30.98 28.91 -2.72
C MET B 476 31.83 28.25 -1.64
N ARG B 477 32.50 29.07 -0.82
CA ARG B 477 33.32 28.53 0.26
C ARG B 477 32.46 27.85 1.31
N TYR B 478 31.33 28.46 1.69
CA TYR B 478 30.41 27.84 2.64
C TYR B 478 29.99 26.45 2.18
N TRP B 479 29.51 26.36 0.93
CA TRP B 479 29.03 25.09 0.40
C TRP B 479 30.15 24.05 0.33
N ALA B 480 31.33 24.45 -0.12
CA ALA B 480 32.45 23.51 -0.21
C ALA B 480 32.93 23.10 1.18
N ASN B 481 32.99 24.06 2.11
CA ASN B 481 33.31 23.73 3.50
C ASN B 481 32.36 22.67 4.03
N PHE B 482 31.06 22.85 3.78
CA PHE B 482 30.10 21.84 4.22
C PHE B 482 30.36 20.51 3.53
N ALA B 483 30.75 20.52 2.25
CA ALA B 483 30.97 19.25 1.56
C ALA B 483 32.17 18.51 2.15
N ARG B 484 33.23 19.22 2.41
CA ARG B 484 34.37 18.61 2.98
C ARG B 484 34.24 18.27 4.44
N THR B 485 33.78 19.22 5.23
CA THR B 485 33.75 19.06 6.68
C THR B 485 32.40 18.70 7.24
N GLY B 486 31.31 19.03 6.54
CA GLY B 486 29.98 18.94 7.12
C GLY B 486 29.66 20.11 8.02
N ASP B 487 30.45 21.15 7.94
CA ASP B 487 30.35 22.41 8.68
C ASP B 487 30.74 23.49 7.69
N PRO B 488 29.86 24.45 7.40
CA PRO B 488 30.24 25.52 6.47
C PRO B 488 31.25 26.50 7.05
N ASN B 489 31.73 26.30 8.27
CA ASN B 489 32.58 27.29 8.93
C ASN B 489 34.05 27.05 8.62
N GLU B 490 34.81 28.14 8.62
CA GLU B 490 36.22 28.09 8.29
C GLU B 490 37.03 27.60 9.49
N PRO B 491 37.77 26.49 9.37
CA PRO B 491 38.57 25.98 10.49
C PRO B 491 39.91 26.70 10.62
N ALA B 496 36.13 35.96 11.83
CA ALA B 496 35.03 35.52 10.97
C ALA B 496 33.83 35.08 11.80
N PRO B 497 32.67 35.69 11.55
CA PRO B 497 31.46 35.35 12.32
C PRO B 497 31.06 33.89 12.13
N GLN B 498 30.58 33.28 13.20
CA GLN B 498 30.30 31.85 13.22
C GLN B 498 28.87 31.55 12.81
N TRP B 499 28.70 30.48 12.04
CA TRP B 499 27.39 29.98 11.65
C TRP B 499 26.95 28.91 12.65
N PRO B 500 25.99 29.19 13.52
CA PRO B 500 25.60 28.19 14.53
C PRO B 500 24.70 27.13 13.93
N PRO B 501 24.81 25.89 14.38
CA PRO B 501 23.86 24.85 13.95
C PRO B 501 22.43 25.16 14.37
N TYR B 502 21.50 24.65 13.56
CA TYR B 502 20.07 24.83 13.79
C TYR B 502 19.54 23.70 14.67
N THR B 503 18.87 24.07 15.77
CA THR B 503 18.28 23.12 16.68
C THR B 503 16.80 23.43 16.86
N ALA B 504 16.03 22.41 17.26
CA ALA B 504 14.59 22.57 17.37
C ALA B 504 14.22 23.65 18.37
N GLY B 505 15.04 23.85 19.41
CA GLY B 505 14.76 24.86 20.41
C GLY B 505 15.19 26.26 20.00
N ALA B 506 16.50 26.47 19.81
CA ALA B 506 16.99 27.80 19.48
C ALA B 506 16.56 28.25 18.08
N GLN B 507 16.44 27.31 17.13
CA GLN B 507 16.00 27.61 15.76
C GLN B 507 16.86 28.69 15.11
N GLN B 508 18.17 28.63 15.36
CA GLN B 508 19.08 29.63 14.81
C GLN B 508 19.39 29.37 13.34
N TYR B 509 19.41 30.44 12.55
CA TYR B 509 19.81 30.41 11.16
C TYR B 509 20.58 31.70 10.88
N VAL B 510 21.27 31.75 9.74
CA VAL B 510 21.97 32.96 9.37
C VAL B 510 21.39 33.52 8.08
N SER B 511 21.60 34.81 7.89
CA SER B 511 21.18 35.49 6.69
C SER B 511 22.36 35.64 5.74
N LEU B 512 22.10 35.45 4.45
CA LEU B 512 23.15 35.48 3.43
C LEU B 512 22.90 36.68 2.54
N ASP B 513 23.77 37.68 2.64
CA ASP B 513 23.74 38.83 1.73
C ASP B 513 25.12 39.50 1.78
N LEU B 514 25.19 40.71 1.24
CA LEU B 514 26.48 41.40 1.14
C LEU B 514 27.07 41.71 2.52
N ARG B 515 26.23 41.84 3.54
CA ARG B 515 26.72 42.06 4.89
C ARG B 515 27.29 40.77 5.48
N PRO B 516 28.10 40.88 6.53
CA PRO B 516 28.57 39.66 7.22
C PRO B 516 27.41 38.86 7.78
N LEU B 517 27.71 37.62 8.18
CA LEU B 517 26.71 36.75 8.76
C LEU B 517 26.09 37.36 10.01
N GLU B 518 24.76 37.40 10.05
CA GLU B 518 24.00 37.75 11.23
C GLU B 518 23.11 36.57 11.60
N VAL B 519 23.07 36.24 12.89
CA VAL B 519 22.27 35.13 13.39
C VAL B 519 20.87 35.62 13.72
N ARG B 520 19.87 34.80 13.42
CA ARG B 520 18.48 35.09 13.75
C ARG B 520 17.83 33.83 14.27
N ARG B 521 16.63 33.97 14.79
CA ARG B 521 15.92 32.85 15.33
C ARG B 521 14.60 32.71 14.66
N GLY B 522 14.23 31.49 14.31
CA GLY B 522 12.95 31.23 13.73
C GLY B 522 12.69 31.36 12.28
N LEU B 523 12.40 30.26 11.64
CA LEU B 523 12.07 30.28 10.25
C LEU B 523 10.57 30.42 10.18
N ARG B 524 10.13 31.68 10.22
N ARG B 524 10.14 31.68 10.22
CA ARG B 524 8.71 32.02 10.22
CA ARG B 524 8.72 32.04 10.24
C ARG B 524 7.97 31.17 11.25
C ARG B 524 7.97 31.17 11.25
N ALA B 525 8.44 31.23 12.49
CA ALA B 525 7.99 30.30 13.52
C ALA B 525 6.50 30.42 13.79
N GLN B 526 5.99 31.66 13.90
CA GLN B 526 4.56 31.84 14.16
C GLN B 526 3.73 31.29 12.99
N ALA B 527 4.09 31.67 11.76
CA ALA B 527 3.35 31.20 10.60
C ALA B 527 3.43 29.69 10.46
N CYS B 528 4.63 29.14 10.65
CA CYS B 528 4.80 27.71 10.42
C CYS B 528 4.18 26.87 11.52
N ALA B 529 3.95 27.44 12.70
CA ALA B 529 3.17 26.72 13.71
C ALA B 529 1.77 26.45 13.21
N PHE B 530 1.21 27.40 12.44
CA PHE B 530 -0.11 27.17 11.86
C PHE B 530 -0.07 26.03 10.86
N TRP B 531 0.94 26.00 9.98
CA TRP B 531 0.96 25.04 8.90
C TRP B 531 1.40 23.65 9.35
N ASN B 532 2.27 23.56 10.35
CA ASN B 532 2.86 22.28 10.74
C ASN B 532 2.25 21.68 11.99
N ARG B 533 1.52 22.46 12.76
CA ARG B 533 0.93 21.99 13.97
C ARG B 533 -0.58 22.00 14.00
N PHE B 534 -1.18 23.11 13.67
CA PHE B 534 -2.64 23.19 13.75
C PHE B 534 -3.35 22.65 12.51
N LEU B 535 -3.07 23.23 11.34
CA LEU B 535 -3.82 22.89 10.13
C LEU B 535 -3.90 21.39 9.84
N PRO B 536 -2.86 20.57 10.05
CA PRO B 536 -3.05 19.13 9.90
C PRO B 536 -4.16 18.58 10.80
N LYS B 537 -4.26 19.03 12.05
CA LYS B 537 -5.32 18.55 12.93
C LYS B 537 -6.68 19.08 12.55
N LEU B 538 -6.74 20.21 11.84
CA LEU B 538 -8.02 20.67 11.31
C LEU B 538 -8.51 19.74 10.21
N LEU B 539 -7.60 19.31 9.31
CA LEU B 539 -7.99 18.43 8.21
C LEU B 539 -8.37 17.03 8.69
N SER B 540 -7.89 16.58 9.84
CA SER B 540 -8.32 15.24 10.24
C SER B 540 -9.73 15.34 10.76
N ALA B 541 -9.90 15.99 11.90
CA ALA B 541 -11.23 16.21 12.41
C ALA B 541 -12.25 16.69 11.39
C1 NAG C . 8.61 -10.28 21.06
C2 NAG C . 9.28 -9.42 22.13
C3 NAG C . 8.67 -8.02 22.17
C4 NAG C . 8.61 -7.42 20.77
C5 NAG C . 7.97 -8.39 19.78
C6 NAG C . 7.97 -7.82 18.38
C7 NAG C . 10.20 -10.61 24.04
C8 NAG C . 9.89 -11.78 24.92
N2 NAG C . 9.15 -10.06 23.42
O3 NAG C . 9.47 -7.19 23.02
O4 NAG C . 7.83 -6.21 20.81
O5 NAG C . 8.70 -9.62 19.80
O6 NAG C . 9.29 -7.34 18.05
O7 NAG C . 11.33 -10.18 23.89
C1 NAG C . 8.51 -5.20 20.04
C2 NAG C . 7.47 -4.26 19.43
C3 NAG C . 8.15 -3.17 18.61
C4 NAG C . 9.27 -2.50 19.41
C5 NAG C . 10.20 -3.57 20.02
C6 NAG C . 11.28 -2.91 20.87
C7 NAG C . 5.31 -4.58 18.37
C8 NAG C . 4.40 -5.55 17.69
N2 NAG C . 6.55 -5.01 18.60
O3 NAG C . 7.19 -2.17 18.25
O4 NAG C . 10.04 -1.66 18.55
O5 NAG C . 9.43 -4.46 20.82
O6 NAG C . 11.75 -1.72 20.22
O7 NAG C . 4.95 -3.46 18.70
C1 FUC C . 9.64 -7.85 16.75
C2 FUC C . 10.58 -6.85 16.05
C3 FUC C . 12.01 -6.91 16.57
C4 FUC C . 12.43 -8.25 17.20
C5 FUC C . 11.59 -9.43 16.69
C6 FUC C . 11.91 -9.71 15.23
O2 FUC C . 10.05 -5.53 16.23
O3 FUC C . 12.91 -6.60 15.50
O4 FUC C . 13.81 -8.49 16.92
O5 FUC C . 10.18 -9.19 16.82
C1 NAG D . -1.81 43.96 -13.14
C2 NAG D . -3.18 44.64 -13.04
C3 NAG D . -4.30 43.60 -12.98
C4 NAG D . -4.19 42.61 -14.11
C5 NAG D . -2.78 42.00 -14.11
C6 NAG D . -2.51 41.02 -15.25
C7 NAG D . -3.21 46.84 -11.93
C8 NAG D . -3.15 47.43 -13.31
N2 NAG D . -3.22 45.51 -11.86
O3 NAG D . -5.56 44.27 -13.04
O4 NAG D . -5.18 41.59 -13.97
O5 NAG D . -1.80 43.04 -14.23
O6 NAG D . -3.19 41.35 -16.45
O7 NAG D . -3.24 47.54 -10.93
C1 NAG D . -6.03 41.52 -15.15
C2 NAG D . -6.57 40.10 -15.29
C3 NAG D . -7.39 39.99 -16.57
C4 NAG D . -8.53 41.00 -16.53
C5 NAG D . -8.02 42.42 -16.23
C6 NAG D . -9.14 43.38 -15.92
C7 NAG D . -5.29 38.33 -14.19
C8 NAG D . -4.16 37.36 -14.30
N2 NAG D . -5.51 39.10 -15.26
O3 NAG D . -7.90 38.66 -16.72
O4 NAG D . -9.20 41.01 -17.78
O5 NAG D . -7.15 42.44 -15.09
O6 NAG D . -9.48 43.36 -14.54
O7 NAG D . -5.98 38.42 -13.17
C1 FUC D . -2.55 42.44 -17.17
C2 FUC D . -1.09 42.05 -17.48
C3 FUC D . -0.41 43.16 -18.30
C4 FUC D . -1.32 43.68 -19.46
C5 FUC D . -2.63 42.87 -19.61
C6 FUC D . -3.64 43.53 -20.53
O2 FUC D . -0.95 40.76 -18.09
O3 FUC D . -0.13 44.28 -17.45
O4 FUC D . -1.62 45.05 -19.28
O5 FUC D . -3.32 42.70 -18.35
C1 NAG E . -2.22 -8.74 -19.34
C2 NAG E . -2.15 -10.09 -18.60
C3 NAG E . -2.16 -11.30 -19.53
C4 NAG E . -1.22 -11.12 -20.71
C5 NAG E . -1.16 -9.68 -21.24
C6 NAG E . -1.16 -9.67 -22.76
C7 NAG E . -0.82 -9.29 -16.74
C8 NAG E . -0.60 -9.94 -15.40
N2 NAG E . -0.96 -10.12 -17.76
O3 NAG E . -3.50 -11.52 -20.01
O4 NAG E . 0.09 -11.54 -20.34
O5 NAG E . -2.25 -8.91 -20.76
O6 NAG E . 0.04 -10.27 -23.25
O7 NAG E . -0.85 -8.08 -16.86
C1 NAG E . 0.41 -12.75 -21.05
C2 NAG E . 1.92 -12.85 -21.25
C3 NAG E . 2.30 -14.12 -21.98
C4 NAG E . 1.63 -15.34 -21.34
C5 NAG E . 0.14 -15.10 -21.14
C6 NAG E . -0.51 -16.28 -20.43
C7 NAG E . 3.40 -10.94 -21.54
C8 NAG E . 3.22 -10.37 -20.17
N2 NAG E . 2.39 -11.69 -21.99
O3 NAG E . 3.72 -14.29 -21.95
O4 NAG E . 1.82 -16.48 -22.17
O5 NAG E . -0.04 -13.91 -20.36
O6 NAG E . -0.24 -16.20 -19.02
O7 NAG E . 4.39 -10.72 -22.21
C1 NAG F . 9.93 -34.39 6.35
C2 NAG F . 10.22 -33.17 5.49
C3 NAG F . 11.59 -33.28 4.84
C4 NAG F . 12.64 -33.58 5.89
C5 NAG F . 12.25 -34.81 6.68
C6 NAG F . 13.29 -35.13 7.76
C7 NAG F . 8.04 -32.44 4.73
C8 NAG F . 6.96 -32.63 3.70
N2 NAG F . 9.20 -33.02 4.47
O3 NAG F . 11.92 -32.05 4.17
O4 NAG F . 13.91 -33.80 5.27
O5 NAG F . 10.97 -34.63 7.29
O6 NAG F . 14.58 -35.20 7.17
O7 NAG F . 7.85 -31.79 5.74
P01 ELT G . -12.04 -17.82 9.33
O02 ELT G . -11.99 -17.29 8.06
N03 ELT G . -12.14 -16.41 10.15
C04 ELT G . -11.01 -15.90 10.81
C05 ELT G . -13.05 -15.44 9.66
O06 ELT G . -10.59 -18.24 9.71
C07 ELT G . -9.59 -18.10 8.79
C08 ELT G . -9.08 -16.69 8.86
O3 HI6 H . -9.93 -7.38 5.91
C14 HI6 H . -9.04 -7.63 5.19
N4 HI6 H . -9.12 -7.29 3.78
C11 HI6 H . -7.94 -8.21 5.64
C10 HI6 H . -7.76 -8.46 6.99
C9 HI6 H . -6.56 -9.07 7.39
N3 HI6 H . -5.64 -9.39 6.49
C13 HI6 H . -5.81 -9.14 5.20
C12 HI6 H . -6.96 -8.54 4.73
C8 HI6 H . -4.39 -10.01 6.87
O2 HI6 H . -4.47 -10.51 8.17
C7 HI6 H . -3.39 -11.35 8.42
N2 HI6 H . -3.95 -12.63 8.70
C2 HI6 H . -3.98 -13.55 7.74
C1 HI6 H . -3.48 -13.26 6.56
N1 HI6 H . -4.18 -13.61 5.33
O1 HI6 H . -3.93 -14.83 4.67
C3 HI6 H . -4.54 -14.80 7.99
C4 HI6 H . -5.06 -15.05 9.25
C5 HI6 H . -5.02 -14.06 10.21
C6 HI6 H . -4.46 -12.84 9.90
P01 ELT I . 10.74 24.04 -7.59
O02 ELT I . 10.86 23.03 -8.52
N03 ELT I . 9.18 23.86 -7.28
C04 ELT I . 8.79 23.06 -6.19
C05 ELT I . 8.25 24.83 -7.72
O06 ELT I . 10.73 25.38 -8.37
C07 ELT I . 10.73 25.35 -9.74
C08 ELT I . 9.66 26.30 -10.21
O3 HI6 J . 2.59 19.97 -13.87
O3 HI6 J . 1.56 21.51 -19.72
C14 HI6 J . 2.24 20.42 -14.86
C14 HI6 J . 2.27 21.29 -18.78
N4 HI6 J . 1.54 19.62 -15.80
N4 HI6 J . 2.88 19.99 -18.71
C11 HI6 J . 2.50 21.64 -15.16
C11 HI6 J . 2.50 22.22 -17.84
C10 HI6 J . 3.11 21.87 -16.40
C10 HI6 J . 2.03 23.53 -18.00
C9 HI6 J . 3.37 23.19 -16.69
C9 HI6 J . 2.30 24.46 -16.98
N3 HI6 J . 3.03 24.10 -15.78
N3 HI6 J . 3.00 24.04 -15.92
C13 HI6 J . 2.42 23.90 -14.59
C13 HI6 J . 3.46 22.78 -15.71
C12 HI6 J . 2.12 22.60 -14.23
C12 HI6 J . 3.22 21.82 -16.70
C8 HI6 J . 3.30 25.46 -16.14
C8 HI6 J . 3.24 25.03 -14.93
O2 HI6 J . 3.98 26.03 -15.11
O2 HI6 J . 4.11 25.91 -15.56
C7 HI6 J . 4.26 27.35 -15.34
C7 HI6 J . 4.03 27.24 -15.22
N2 HI6 J . 5.20 27.68 -14.32
N2 HI6 J . 5.05 27.59 -14.25
C2 HI6 J . 6.53 27.67 -14.56
C2 HI6 J . 6.36 27.59 -14.58
C1 HI6 J . 7.07 27.41 -15.71
C1 HI6 J . 6.82 27.27 -15.76
N1 HI6 J . 8.00 26.33 -15.83
N1 HI6 J . 8.03 26.50 -15.81
O1 HI6 J . 8.58 26.07 -17.05
O1 HI6 J . 8.53 26.06 -17.02
C3 HI6 J . 7.41 27.98 -13.51
C3 HI6 J . 7.31 27.94 -13.61
C4 HI6 J . 6.83 28.26 -12.24
C4 HI6 J . 6.82 28.27 -12.33
C5 HI6 J . 5.45 28.24 -12.03
C5 HI6 J . 5.46 28.26 -12.02
C6 HI6 J . 4.64 27.93 -13.13
C6 HI6 J . 4.57 27.92 -13.05
#